data_6WYZ
#
_entry.id   6WYZ
#
_cell.length_a   81.282
_cell.length_b   81.282
_cell.length_c   176.703
_cell.angle_alpha   90.000
_cell.angle_beta   90.000
_cell.angle_gamma   120.000
#
_symmetry.space_group_name_H-M   'P 31'
#
loop_
_entity.id
_entity.type
_entity.pdbx_description
1 polymer Glutaminase-asparaginase
2 non-polymer 'D-GLUTAMIC ACID'
3 water water
#
_entity_poly.entity_id   1
_entity_poly.type   'polypeptide(L)'
_entity_poly.pdbx_seq_one_letter_code
;KEAETQQKLANVVILATGGTIAGAGASAANSATYQAAKLGVDKLIAGVPELADIANVRGEQVMQIASESISNDDLLKLGK
RVAELAESKDVDGIVITHGTDTLEETAFFLNLVEKTDKPIVVVGSMRPGTAMSADGMLNLYNAVAVASDKQSRGKGVLVT
MNDEIQSGRDVSMAVNIKTEAFKSAWGPMGMVVEGKSYWFRLPAKRHTVNSEFDIKQISSLPQVDIAYGYGNVTDTAYKA
LAQNGAKALIHAGTGNGSVSSRVVPALQELRKNGVQIIRSSHVNQGGFVLRNAEQPDDKNDWVVAHDLNPQKARILAMVA
MTKTQDSKELQRIFWEY
;
_entity_poly.pdbx_strand_id   A,B,C,D
#
# COMPACT_ATOMS: atom_id res chain seq x y z
N LEU A 9 -32.61 19.78 -8.28
CA LEU A 9 -31.97 18.44 -8.46
C LEU A 9 -31.33 18.37 -9.87
N ALA A 10 -30.10 17.88 -9.96
CA ALA A 10 -29.40 17.63 -11.23
C ALA A 10 -30.14 16.55 -11.98
N ASN A 11 -30.09 16.63 -13.29
CA ASN A 11 -30.58 15.56 -14.19
C ASN A 11 -29.39 14.66 -14.55
N VAL A 12 -29.45 13.42 -14.14
CA VAL A 12 -28.33 12.48 -14.40
C VAL A 12 -28.93 11.37 -15.21
N VAL A 13 -28.17 10.96 -16.21
CA VAL A 13 -28.48 9.76 -17.01
C VAL A 13 -27.47 8.67 -16.71
N ILE A 14 -28.00 7.47 -16.51
CA ILE A 14 -27.30 6.19 -16.31
C ILE A 14 -27.33 5.41 -17.61
N LEU A 15 -26.14 5.19 -18.17
CA LEU A 15 -25.94 4.28 -19.29
C LEU A 15 -25.42 2.92 -18.81
N ALA A 16 -26.23 1.86 -18.89
CA ALA A 16 -25.92 0.48 -18.51
C ALA A 16 -25.17 -0.16 -19.69
N THR A 17 -24.08 -0.87 -19.44
CA THR A 17 -23.34 -1.59 -20.49
C THR A 17 -23.26 -3.06 -20.11
N GLY A 18 -23.73 -3.47 -18.92
CA GLY A 18 -23.65 -4.85 -18.36
C GLY A 18 -22.73 -4.91 -17.11
N GLY A 19 -22.13 -6.08 -16.83
CA GLY A 19 -21.21 -6.34 -15.69
C GLY A 19 -21.87 -6.96 -14.46
N THR A 20 -21.08 -7.29 -13.44
CA THR A 20 -21.63 -7.92 -12.20
C THR A 20 -22.62 -6.97 -11.51
N ILE A 21 -22.49 -5.63 -11.65
CA ILE A 21 -23.38 -4.63 -11.00
C ILE A 21 -24.84 -4.93 -11.41
N ALA A 22 -25.09 -5.53 -12.58
CA ALA A 22 -26.44 -5.76 -13.19
C ALA A 22 -26.79 -7.24 -13.40
N GLY A 40 -31.80 -5.36 -16.64
CA GLY A 40 -32.12 -4.11 -17.36
C GLY A 40 -32.00 -2.88 -16.47
N VAL A 41 -31.63 -1.76 -17.05
CA VAL A 41 -31.28 -0.52 -16.30
C VAL A 41 -32.46 -0.05 -15.42
N ASP A 42 -33.72 -0.37 -15.73
CA ASP A 42 -34.83 0.21 -14.92
C ASP A 42 -34.93 -0.56 -13.60
N LYS A 43 -34.62 -1.86 -13.59
CA LYS A 43 -34.52 -2.66 -12.35
C LYS A 43 -33.25 -2.26 -11.59
N LEU A 44 -32.12 -2.00 -12.26
CA LEU A 44 -30.93 -1.36 -11.62
C LEU A 44 -31.39 -0.14 -10.83
N ILE A 45 -31.94 0.87 -11.49
CA ILE A 45 -32.44 2.09 -10.81
C ILE A 45 -33.49 1.77 -9.73
N ALA A 46 -34.45 0.87 -10.01
CA ALA A 46 -35.53 0.52 -9.04
C ALA A 46 -34.84 0.05 -7.75
N GLY A 47 -33.91 -0.89 -7.89
CA GLY A 47 -32.97 -1.40 -6.88
C GLY A 47 -32.44 -0.34 -5.91
N VAL A 48 -32.29 0.92 -6.31
CA VAL A 48 -31.77 2.02 -5.42
C VAL A 48 -32.77 3.17 -5.34
N PRO A 49 -33.85 3.00 -4.52
CA PRO A 49 -34.88 4.03 -4.37
C PRO A 49 -34.35 5.34 -3.77
N GLU A 50 -33.20 5.27 -3.07
CA GLU A 50 -32.58 6.50 -2.48
C GLU A 50 -32.13 7.46 -3.60
N LEU A 51 -31.88 6.97 -4.84
CA LEU A 51 -31.42 7.79 -5.99
C LEU A 51 -32.32 9.02 -6.21
N ALA A 52 -33.64 8.83 -6.17
CA ALA A 52 -34.62 9.92 -6.42
C ALA A 52 -34.36 11.08 -5.44
N ASP A 53 -33.90 10.79 -4.22
CA ASP A 53 -33.62 11.83 -3.20
C ASP A 53 -32.54 12.80 -3.70
N ILE A 54 -31.60 12.37 -4.56
CA ILE A 54 -30.37 13.19 -4.78
C ILE A 54 -30.28 13.66 -6.24
N ALA A 55 -31.03 13.08 -7.16
CA ALA A 55 -30.98 13.55 -8.57
C ALA A 55 -32.24 13.08 -9.31
N ASN A 56 -32.47 13.60 -10.50
CA ASN A 56 -33.52 13.03 -11.38
C ASN A 56 -32.79 12.21 -12.41
N VAL A 57 -33.10 10.95 -12.38
CA VAL A 57 -32.35 9.84 -12.99
C VAL A 57 -33.21 9.24 -14.08
N ARG A 58 -32.66 9.05 -15.27
CA ARG A 58 -33.24 8.02 -16.16
C ARG A 58 -32.12 7.16 -16.68
N GLY A 59 -32.49 5.96 -17.07
CA GLY A 59 -31.56 4.96 -17.61
C GLY A 59 -31.67 4.79 -19.11
N GLU A 60 -30.57 4.42 -19.74
CA GLU A 60 -30.64 3.71 -21.02
C GLU A 60 -29.74 2.48 -21.03
N GLN A 61 -30.17 1.41 -21.65
CA GLN A 61 -29.35 0.21 -21.89
C GLN A 61 -28.60 0.41 -23.20
N VAL A 62 -27.34 0.84 -23.12
CA VAL A 62 -26.50 1.02 -24.33
C VAL A 62 -26.06 -0.33 -24.89
N MET A 63 -25.78 -1.34 -24.04
CA MET A 63 -25.35 -2.71 -24.44
C MET A 63 -25.44 -3.65 -23.23
N GLN A 64 -25.30 -4.95 -23.44
CA GLN A 64 -25.37 -5.91 -22.32
C GLN A 64 -24.25 -6.94 -22.54
N ILE A 65 -23.02 -6.57 -22.12
CA ILE A 65 -21.79 -7.39 -22.33
C ILE A 65 -21.06 -7.66 -21.01
N ALA A 66 -20.38 -8.80 -20.99
CA ALA A 66 -19.26 -9.07 -20.06
C ALA A 66 -18.08 -8.24 -20.55
N SER A 67 -17.58 -7.37 -19.69
CA SER A 67 -16.64 -6.35 -20.14
C SER A 67 -15.32 -6.96 -20.67
N GLU A 68 -14.98 -8.19 -20.34
CA GLU A 68 -13.75 -8.86 -20.85
C GLU A 68 -13.86 -9.01 -22.39
N SER A 69 -15.07 -8.91 -22.92
CA SER A 69 -15.38 -9.23 -24.35
C SER A 69 -15.73 -7.96 -25.11
N ILE A 70 -15.49 -6.78 -24.52
CA ILE A 70 -15.74 -5.46 -25.12
C ILE A 70 -14.92 -5.33 -26.40
N SER A 71 -15.49 -4.67 -27.40
CA SER A 71 -14.77 -4.37 -28.65
C SER A 71 -14.57 -2.88 -28.79
N ASN A 72 -13.71 -2.50 -29.73
CA ASN A 72 -13.49 -1.14 -30.22
C ASN A 72 -14.85 -0.58 -30.69
N ASP A 73 -15.72 -1.37 -31.30
CA ASP A 73 -17.04 -0.83 -31.76
C ASP A 73 -17.94 -0.48 -30.58
N ASP A 74 -17.95 -1.32 -29.54
CA ASP A 74 -18.64 -0.99 -28.27
C ASP A 74 -18.08 0.30 -27.72
N LEU A 75 -16.75 0.49 -27.60
CA LEU A 75 -16.22 1.74 -27.04
C LEU A 75 -16.74 2.94 -27.84
N LEU A 76 -16.68 2.83 -29.17
CA LEU A 76 -17.11 3.97 -30.00
C LEU A 76 -18.60 4.24 -29.79
N LYS A 77 -19.44 3.23 -29.81
CA LYS A 77 -20.90 3.41 -29.60
C LYS A 77 -21.14 4.09 -28.23
N LEU A 78 -20.47 3.61 -27.18
CA LEU A 78 -20.63 4.29 -25.86
C LEU A 78 -20.16 5.72 -25.93
N GLY A 79 -18.96 5.96 -26.45
CA GLY A 79 -18.38 7.29 -26.47
C GLY A 79 -19.28 8.28 -27.22
N LYS A 80 -19.85 7.79 -28.32
CA LYS A 80 -20.77 8.65 -29.12
C LYS A 80 -22.03 8.97 -28.34
N ARG A 81 -22.63 8.00 -27.70
CA ARG A 81 -23.85 8.17 -26.89
C ARG A 81 -23.56 9.12 -25.72
N VAL A 82 -22.42 8.92 -25.05
CA VAL A 82 -22.04 9.91 -24.00
C VAL A 82 -21.97 11.33 -24.57
N ALA A 83 -21.42 11.55 -25.76
CA ALA A 83 -21.17 12.89 -26.35
C ALA A 83 -22.52 13.56 -26.72
N GLU A 84 -23.43 12.77 -27.26
CA GLU A 84 -24.81 13.30 -27.53
C GLU A 84 -25.49 13.77 -26.24
N LEU A 85 -25.39 12.98 -25.16
CA LEU A 85 -26.03 13.33 -23.87
C LEU A 85 -25.36 14.57 -23.26
N ALA A 86 -24.05 14.67 -23.33
CA ALA A 86 -23.28 15.84 -22.86
C ALA A 86 -23.70 17.13 -23.59
N GLU A 87 -24.09 17.01 -24.86
CA GLU A 87 -24.56 18.15 -25.68
C GLU A 87 -25.98 18.54 -25.26
N SER A 88 -26.77 17.65 -24.66
CA SER A 88 -28.20 17.92 -24.39
C SER A 88 -28.34 18.90 -23.21
N LYS A 89 -29.37 19.72 -23.24
CA LYS A 89 -29.56 20.83 -22.28
C LYS A 89 -30.02 20.28 -20.95
N ASP A 90 -30.75 19.16 -21.02
CA ASP A 90 -31.44 18.53 -19.88
C ASP A 90 -30.59 17.39 -19.30
N VAL A 91 -29.30 17.37 -19.55
CA VAL A 91 -28.42 16.31 -18.93
C VAL A 91 -27.35 17.07 -18.16
N ASP A 92 -27.22 16.95 -16.82
CA ASP A 92 -26.23 17.69 -15.98
C ASP A 92 -24.99 16.78 -15.73
N GLY A 93 -25.21 15.51 -15.80
CA GLY A 93 -24.14 14.50 -15.55
C GLY A 93 -24.49 13.14 -15.99
N ILE A 94 -23.47 12.30 -16.23
CA ILE A 94 -23.67 10.95 -16.78
C ILE A 94 -22.93 9.92 -15.93
N VAL A 95 -23.62 8.84 -15.63
CA VAL A 95 -23.04 7.61 -15.00
C VAL A 95 -23.06 6.48 -16.03
N ILE A 96 -21.95 5.74 -16.19
CA ILE A 96 -21.86 4.46 -16.95
C ILE A 96 -21.68 3.33 -15.97
N THR A 97 -22.53 2.35 -16.00
CA THR A 97 -22.41 1.13 -15.21
C THR A 97 -21.72 0.13 -16.10
N HIS A 98 -20.67 -0.53 -15.59
CA HIS A 98 -19.68 -1.25 -16.42
C HIS A 98 -19.13 -2.47 -15.65
N GLY A 99 -18.83 -3.56 -16.35
CA GLY A 99 -18.08 -4.69 -15.80
C GLY A 99 -16.71 -4.17 -15.34
N THR A 100 -16.18 -4.75 -14.27
CA THR A 100 -14.88 -4.27 -13.69
C THR A 100 -13.68 -4.58 -14.55
N ASP A 101 -13.70 -5.69 -15.30
CA ASP A 101 -12.51 -6.17 -16.05
C ASP A 101 -11.87 -5.14 -16.95
N THR A 102 -12.63 -4.43 -17.83
CA THR A 102 -12.10 -3.36 -18.70
C THR A 102 -12.70 -2.01 -18.33
N LEU A 103 -13.22 -1.85 -17.10
CA LEU A 103 -13.71 -0.53 -16.64
C LEU A 103 -12.60 0.49 -16.83
N GLU A 104 -11.35 0.17 -16.48
CA GLU A 104 -10.25 1.16 -16.53
C GLU A 104 -9.90 1.59 -17.93
N GLU A 105 -10.18 0.73 -18.91
CA GLU A 105 -9.89 1.04 -20.34
C GLU A 105 -10.99 2.00 -20.86
N THR A 106 -12.25 1.72 -20.56
CA THR A 106 -13.41 2.60 -20.96
C THR A 106 -13.28 3.96 -20.30
N ALA A 107 -12.88 3.96 -19.00
CA ALA A 107 -12.81 5.22 -18.29
C ALA A 107 -11.74 6.12 -18.85
N PHE A 108 -10.58 5.57 -19.20
CA PHE A 108 -9.47 6.33 -19.76
C PHE A 108 -9.94 6.85 -21.17
N PHE A 109 -10.50 5.93 -21.95
CA PHE A 109 -10.92 6.24 -23.38
C PHE A 109 -11.81 7.48 -23.32
N LEU A 110 -12.82 7.43 -22.48
CA LEU A 110 -13.76 8.59 -22.32
C LEU A 110 -13.02 9.83 -21.86
N ASN A 111 -12.07 9.68 -20.90
CA ASN A 111 -11.29 10.84 -20.43
C ASN A 111 -10.56 11.53 -21.56
N LEU A 112 -10.20 10.80 -22.63
CA LEU A 112 -9.39 11.35 -23.72
C LEU A 112 -10.31 12.01 -24.79
N VAL A 113 -11.52 11.50 -24.94
CA VAL A 113 -12.26 11.85 -26.21
C VAL A 113 -13.50 12.64 -25.92
N GLU A 114 -13.85 12.85 -24.66
CA GLU A 114 -15.15 13.51 -24.36
C GLU A 114 -14.89 14.97 -24.06
N LYS A 115 -15.21 15.87 -25.00
CA LYS A 115 -14.92 17.30 -24.81
C LYS A 115 -16.08 17.98 -24.10
N THR A 116 -16.25 17.74 -22.81
CA THR A 116 -17.33 18.32 -21.98
C THR A 116 -16.76 18.53 -20.57
N ASP A 117 -17.22 19.52 -19.80
CA ASP A 117 -16.85 19.46 -18.36
C ASP A 117 -18.05 19.09 -17.52
N LYS A 118 -19.03 18.50 -18.14
CA LYS A 118 -20.10 17.82 -17.38
C LYS A 118 -19.52 16.56 -16.76
N PRO A 119 -19.88 16.25 -15.49
CA PRO A 119 -19.39 15.02 -14.86
C PRO A 119 -19.73 13.77 -15.66
N ILE A 120 -18.72 12.90 -15.83
CA ILE A 120 -18.87 11.50 -16.30
C ILE A 120 -18.21 10.58 -15.26
N VAL A 121 -19.01 9.67 -14.81
CA VAL A 121 -18.63 8.72 -13.72
C VAL A 121 -18.81 7.33 -14.23
N VAL A 122 -17.80 6.46 -14.08
CA VAL A 122 -17.88 5.06 -14.43
C VAL A 122 -17.80 4.24 -13.16
N VAL A 123 -18.64 3.26 -13.05
CA VAL A 123 -18.88 2.54 -11.78
C VAL A 123 -19.22 1.10 -12.09
N GLY A 124 -18.71 0.19 -11.27
CA GLY A 124 -19.08 -1.22 -11.27
C GLY A 124 -19.25 -1.79 -9.88
N SER A 125 -19.29 -3.11 -9.78
CA SER A 125 -19.34 -3.83 -8.50
C SER A 125 -18.54 -5.12 -8.58
N MET A 126 -17.99 -5.52 -7.44
CA MET A 126 -17.24 -6.78 -7.29
C MET A 126 -18.16 -7.96 -6.95
N ARG A 127 -19.37 -7.73 -6.46
CA ARG A 127 -20.31 -8.82 -6.11
C ARG A 127 -21.67 -8.49 -6.75
N PRO A 128 -22.45 -9.50 -7.18
CA PRO A 128 -23.81 -9.29 -7.65
C PRO A 128 -24.80 -8.79 -6.58
N GLY A 129 -25.92 -8.16 -6.97
CA GLY A 129 -26.85 -7.50 -6.03
C GLY A 129 -27.57 -8.50 -5.14
N THR A 130 -27.51 -9.77 -5.51
CA THR A 130 -28.18 -10.88 -4.78
C THR A 130 -27.19 -11.39 -3.72
N ALA A 131 -25.92 -10.99 -3.79
CA ALA A 131 -24.90 -11.55 -2.85
C ALA A 131 -25.02 -10.88 -1.47
N MET A 132 -24.69 -11.61 -0.41
CA MET A 132 -24.42 -11.00 0.92
C MET A 132 -23.43 -9.84 0.78
N SER A 133 -23.78 -8.70 1.36
CA SER A 133 -22.91 -7.51 1.47
C SER A 133 -22.46 -7.08 0.08
N ALA A 134 -23.37 -7.14 -0.91
CA ALA A 134 -23.10 -6.59 -2.28
C ALA A 134 -22.74 -5.06 -2.26
N ASP A 135 -21.74 -4.65 -3.04
CA ASP A 135 -21.13 -3.30 -3.07
C ASP A 135 -21.85 -2.40 -4.10
N GLY A 136 -22.62 -2.99 -5.02
CA GLY A 136 -23.18 -2.24 -6.16
C GLY A 136 -24.17 -1.14 -5.78
N MET A 137 -25.02 -1.34 -4.79
CA MET A 137 -26.03 -0.30 -4.45
C MET A 137 -25.37 0.99 -4.03
N LEU A 138 -24.47 0.98 -3.03
CA LEU A 138 -23.79 2.19 -2.61
C LEU A 138 -22.89 2.71 -3.72
N ASN A 139 -22.24 1.85 -4.52
CA ASN A 139 -21.34 2.36 -5.58
C ASN A 139 -22.24 3.18 -6.56
N LEU A 140 -23.44 2.68 -6.84
CA LEU A 140 -24.34 3.38 -7.84
C LEU A 140 -24.84 4.69 -7.26
N TYR A 141 -25.26 4.68 -5.99
CA TYR A 141 -25.57 5.90 -5.28
C TYR A 141 -24.46 6.90 -5.31
N ASN A 142 -23.25 6.51 -4.88
CA ASN A 142 -22.13 7.45 -4.93
C ASN A 142 -21.88 7.98 -6.35
N ALA A 143 -21.93 7.15 -7.36
CA ALA A 143 -21.70 7.59 -8.75
C ALA A 143 -22.68 8.74 -9.11
N VAL A 144 -23.92 8.56 -8.78
CA VAL A 144 -25.00 9.54 -9.10
C VAL A 144 -24.76 10.81 -8.30
N ALA A 145 -24.43 10.65 -7.00
CA ALA A 145 -24.08 11.80 -6.17
C ALA A 145 -22.94 12.57 -6.77
N VAL A 146 -21.82 11.90 -7.17
CA VAL A 146 -20.68 12.59 -7.78
C VAL A 146 -21.12 13.24 -9.15
N ALA A 147 -21.85 12.49 -9.90
CA ALA A 147 -22.33 12.99 -11.22
C ALA A 147 -23.17 14.25 -11.04
N SER A 148 -23.80 14.46 -9.88
CA SER A 148 -24.71 15.61 -9.65
C SER A 148 -24.04 16.74 -8.89
N ASP A 149 -22.74 16.61 -8.58
CA ASP A 149 -22.02 17.58 -7.77
C ASP A 149 -21.31 18.57 -8.65
N LYS A 150 -21.46 19.85 -8.34
CA LYS A 150 -20.73 20.89 -9.08
C LYS A 150 -19.23 20.70 -8.90
N GLN A 151 -18.78 20.04 -7.79
CA GLN A 151 -17.33 19.89 -7.60
C GLN A 151 -16.74 18.97 -8.68
N SER A 152 -17.56 18.12 -9.25
CA SER A 152 -17.12 17.12 -10.26
C SER A 152 -16.90 17.79 -11.63
N ARG A 153 -17.51 18.94 -11.91
CA ARG A 153 -17.29 19.63 -13.22
C ARG A 153 -15.82 19.90 -13.41
N GLY A 154 -15.34 19.58 -14.62
CA GLY A 154 -14.01 20.04 -15.09
C GLY A 154 -12.86 19.10 -14.62
N LYS A 155 -13.21 17.99 -13.96
CA LYS A 155 -12.23 17.13 -13.24
C LYS A 155 -11.81 15.96 -14.15
N GLY A 156 -12.49 15.75 -15.27
CA GLY A 156 -12.28 14.55 -16.09
C GLY A 156 -13.15 13.42 -15.67
N VAL A 157 -13.00 12.28 -16.33
CA VAL A 157 -13.78 11.12 -15.99
C VAL A 157 -13.35 10.58 -14.59
N LEU A 158 -14.32 10.20 -13.83
CA LEU A 158 -14.13 9.72 -12.42
C LEU A 158 -14.71 8.33 -12.29
N VAL A 159 -14.10 7.55 -11.38
CA VAL A 159 -14.59 6.24 -10.97
C VAL A 159 -14.87 6.28 -9.46
N THR A 160 -16.01 5.77 -9.01
CA THR A 160 -16.54 5.96 -7.63
C THR A 160 -16.92 4.59 -7.03
N MET A 161 -15.89 3.81 -6.73
CA MET A 161 -16.05 2.57 -5.95
C MET A 161 -15.26 2.67 -4.60
N ASN A 162 -15.70 1.86 -3.65
CA ASN A 162 -15.00 1.72 -2.33
C ASN A 162 -15.05 3.07 -1.63
N ASP A 163 -16.01 3.99 -1.89
CA ASP A 163 -16.04 5.35 -1.30
C ASP A 163 -14.98 6.28 -1.82
N GLU A 164 -14.28 5.98 -2.91
CA GLU A 164 -13.20 6.85 -3.36
C GLU A 164 -13.67 7.57 -4.61
N ILE A 165 -13.09 8.68 -4.88
CA ILE A 165 -13.10 9.38 -6.22
C ILE A 165 -11.73 9.11 -6.78
N GLN A 166 -11.72 8.29 -7.80
CA GLN A 166 -10.50 7.92 -8.52
C GLN A 166 -10.50 8.57 -9.93
N SER A 167 -9.35 8.96 -10.36
CA SER A 167 -9.17 9.44 -11.75
C SER A 167 -9.37 8.29 -12.75
N GLY A 168 -10.25 8.50 -13.74
CA GLY A 168 -10.38 7.55 -14.89
C GLY A 168 -9.08 7.35 -15.62
N ARG A 169 -8.16 8.30 -15.60
CA ARG A 169 -6.88 8.22 -16.30
C ARG A 169 -6.09 7.04 -15.78
N ASP A 170 -5.78 7.10 -14.48
CA ASP A 170 -4.80 6.11 -13.98
C ASP A 170 -5.30 5.18 -12.90
N VAL A 171 -6.57 5.08 -12.62
CA VAL A 171 -7.14 3.99 -11.82
C VAL A 171 -7.15 2.65 -12.56
N SER A 172 -6.81 1.56 -11.90
CA SER A 172 -6.69 0.24 -12.53
C SER A 172 -7.24 -0.84 -11.60
N MET A 173 -7.83 -1.90 -12.13
CA MET A 173 -8.25 -3.06 -11.35
C MET A 173 -6.94 -3.76 -10.92
N ALA A 174 -6.61 -3.57 -9.64
CA ALA A 174 -5.28 -3.96 -9.10
C ALA A 174 -5.45 -5.12 -8.12
N VAL A 175 -6.63 -5.28 -7.54
CA VAL A 175 -6.88 -6.32 -6.51
C VAL A 175 -8.08 -7.15 -6.93
N ASN A 176 -7.89 -8.43 -7.03
CA ASN A 176 -9.00 -9.36 -7.37
C ASN A 176 -9.83 -9.61 -6.11
N ILE A 177 -11.10 -9.94 -6.33
CA ILE A 177 -12.10 -10.46 -5.35
C ILE A 177 -12.58 -9.30 -4.46
N LYS A 178 -11.67 -8.59 -3.80
CA LYS A 178 -12.09 -7.65 -2.75
C LYS A 178 -12.75 -6.38 -3.30
N THR A 179 -13.51 -5.67 -2.49
CA THR A 179 -14.24 -4.45 -3.00
C THR A 179 -13.28 -3.24 -3.24
N GLU A 180 -12.05 -3.24 -2.69
CA GLU A 180 -11.02 -2.20 -2.90
C GLU A 180 -10.21 -2.50 -4.18
N ALA A 181 -10.84 -3.14 -5.12
CA ALA A 181 -10.17 -3.57 -6.36
C ALA A 181 -9.45 -2.44 -7.10
N PHE A 182 -9.98 -1.22 -7.14
CA PHE A 182 -9.54 -0.15 -8.03
C PHE A 182 -8.56 0.72 -7.23
N LYS A 183 -7.36 0.80 -7.73
CA LYS A 183 -6.33 1.68 -7.18
C LYS A 183 -5.61 2.46 -8.24
N SER A 184 -4.96 3.57 -7.86
CA SER A 184 -4.06 4.38 -8.67
C SER A 184 -2.71 4.48 -8.00
N ALA A 185 -1.64 4.45 -8.77
CA ALA A 185 -0.29 4.72 -8.23
C ALA A 185 -0.20 6.13 -7.60
N TRP A 186 -1.03 7.07 -8.08
CA TRP A 186 -0.95 8.49 -7.73
C TRP A 186 -2.08 8.79 -6.72
N GLY A 187 -2.72 7.76 -6.20
CA GLY A 187 -3.76 7.84 -5.13
C GLY A 187 -5.13 8.32 -5.55
N PRO A 188 -6.13 8.14 -4.66
CA PRO A 188 -7.47 8.62 -4.86
C PRO A 188 -7.39 10.15 -4.83
N MET A 189 -8.24 10.81 -5.65
CA MET A 189 -8.33 12.30 -5.61
C MET A 189 -9.29 12.82 -4.56
N GLY A 190 -10.13 11.99 -4.11
CA GLY A 190 -11.13 12.30 -3.10
C GLY A 190 -11.84 11.09 -2.59
N MET A 191 -12.82 11.34 -1.74
CA MET A 191 -13.78 10.39 -1.23
C MET A 191 -15.22 10.89 -1.33
N VAL A 192 -16.11 9.96 -1.39
CA VAL A 192 -17.56 10.21 -1.39
C VAL A 192 -18.12 9.46 -0.19
N VAL A 193 -18.74 10.26 0.68
CA VAL A 193 -19.29 9.78 1.97
C VAL A 193 -20.66 10.44 2.25
N GLU A 194 -21.65 9.62 2.46
CA GLU A 194 -23.06 10.00 2.74
C GLU A 194 -23.54 10.90 1.58
N GLY A 195 -23.22 10.47 0.37
CA GLY A 195 -23.41 11.21 -0.91
C GLY A 195 -22.62 12.49 -1.11
N LYS A 196 -21.71 12.92 -0.23
CA LYS A 196 -21.01 14.22 -0.33
C LYS A 196 -19.56 13.99 -0.79
N SER A 197 -19.03 14.88 -1.59
CA SER A 197 -17.69 14.69 -2.19
C SER A 197 -16.64 15.49 -1.44
N TYR A 198 -15.53 14.82 -1.05
CA TYR A 198 -14.39 15.49 -0.40
C TYR A 198 -13.18 15.33 -1.31
N TRP A 199 -12.64 16.41 -1.78
CA TRP A 199 -11.49 16.50 -2.70
C TRP A 199 -10.18 16.80 -1.96
N PHE A 200 -9.11 16.09 -2.32
CA PHE A 200 -7.76 16.31 -1.79
C PHE A 200 -6.68 16.53 -2.84
N ARG A 201 -6.96 16.11 -4.09
CA ARG A 201 -6.01 16.28 -5.19
C ARG A 201 -6.81 16.68 -6.45
N LEU A 202 -6.13 17.34 -7.35
CA LEU A 202 -6.69 17.65 -8.69
C LEU A 202 -5.89 16.85 -9.71
N PRO A 203 -6.47 16.63 -10.91
CA PRO A 203 -5.69 16.05 -12.00
C PRO A 203 -4.63 17.01 -12.49
N ALA A 204 -3.53 16.49 -13.03
CA ALA A 204 -2.47 17.25 -13.66
C ALA A 204 -2.44 16.99 -15.20
N LYS A 205 -2.93 15.90 -15.64
CA LYS A 205 -2.75 15.53 -17.07
C LYS A 205 -3.93 16.01 -17.89
N ARG A 206 -3.78 16.06 -19.22
CA ARG A 206 -4.83 16.66 -20.09
C ARG A 206 -5.96 15.71 -20.17
N HIS A 207 -7.18 16.25 -20.16
CA HIS A 207 -8.40 15.46 -20.18
C HIS A 207 -9.53 16.31 -20.79
N THR A 208 -10.60 15.61 -21.17
CA THR A 208 -11.95 16.14 -21.59
C THR A 208 -11.82 17.48 -22.30
N VAL A 209 -12.20 18.59 -21.68
CA VAL A 209 -12.24 19.92 -22.35
C VAL A 209 -10.89 20.35 -22.86
N ASN A 210 -9.77 19.87 -22.32
CA ASN A 210 -8.46 20.40 -22.78
C ASN A 210 -7.80 19.35 -23.64
N SER A 211 -8.51 18.28 -24.00
CA SER A 211 -7.99 17.22 -24.91
C SER A 211 -8.01 17.71 -26.36
N GLU A 212 -6.97 17.33 -27.11
CA GLU A 212 -6.84 17.56 -28.58
C GLU A 212 -7.64 16.51 -29.35
N PHE A 213 -8.22 15.51 -28.69
CA PHE A 213 -9.04 14.40 -29.22
C PHE A 213 -10.51 14.68 -28.99
N ASP A 214 -11.35 14.24 -29.93
CA ASP A 214 -12.81 14.40 -29.84
C ASP A 214 -13.48 13.19 -30.47
N ILE A 215 -14.32 12.53 -29.73
CA ILE A 215 -15.04 11.33 -30.19
C ILE A 215 -15.90 11.71 -31.44
N LYS A 216 -16.33 12.95 -31.52
CA LYS A 216 -17.19 13.38 -32.67
C LYS A 216 -16.47 13.05 -33.99
N GLN A 217 -15.15 13.15 -34.06
CA GLN A 217 -14.36 12.99 -35.32
C GLN A 217 -13.90 11.55 -35.52
N ILE A 218 -14.09 10.61 -34.57
CA ILE A 218 -13.54 9.25 -34.69
C ILE A 218 -14.61 8.31 -35.18
N SER A 219 -14.32 7.69 -36.33
CA SER A 219 -15.29 6.76 -36.94
C SER A 219 -14.91 5.33 -36.67
N SER A 220 -13.65 4.96 -36.70
CA SER A 220 -13.20 3.65 -36.22
C SER A 220 -11.79 3.80 -35.65
N LEU A 221 -11.45 2.92 -34.72
CA LEU A 221 -10.13 3.01 -34.07
C LEU A 221 -9.12 2.14 -34.80
N PRO A 222 -7.85 2.56 -34.80
CA PRO A 222 -6.77 1.76 -35.30
C PRO A 222 -6.59 0.51 -34.45
N GLN A 223 -6.22 -0.57 -35.11
CA GLN A 223 -5.97 -1.83 -34.39
C GLN A 223 -4.63 -1.74 -33.62
N VAL A 224 -4.70 -2.02 -32.32
CA VAL A 224 -3.48 -2.02 -31.44
C VAL A 224 -3.57 -3.26 -30.58
N ASP A 225 -2.41 -3.95 -30.46
CA ASP A 225 -2.34 -5.18 -29.68
C ASP A 225 -1.19 -5.10 -28.66
N ILE A 226 -1.25 -6.06 -27.77
CA ILE A 226 -0.31 -6.18 -26.61
C ILE A 226 0.40 -7.53 -26.61
N ALA A 227 1.73 -7.49 -26.40
CA ALA A 227 2.62 -8.68 -26.21
C ALA A 227 3.38 -8.57 -24.83
N TYR A 228 3.49 -9.71 -24.14
CA TYR A 228 4.04 -9.84 -22.78
C TYR A 228 5.53 -10.17 -22.86
N GLY A 229 6.34 -9.53 -22.02
CA GLY A 229 7.77 -9.83 -21.86
C GLY A 229 8.01 -10.60 -20.56
N TYR A 230 8.87 -11.61 -20.61
CA TYR A 230 9.10 -12.64 -19.58
C TYR A 230 10.39 -13.40 -19.96
N GLY A 231 10.95 -14.19 -19.04
CA GLY A 231 12.16 -14.98 -19.38
C GLY A 231 11.89 -15.89 -20.59
N ASN A 232 12.85 -15.93 -21.47
CA ASN A 232 12.87 -16.89 -22.63
C ASN A 232 11.74 -16.51 -23.57
N VAL A 233 11.25 -15.26 -23.52
CA VAL A 233 10.29 -14.75 -24.53
C VAL A 233 10.94 -14.73 -25.92
N THR A 234 10.14 -14.99 -26.94
CA THR A 234 10.57 -14.84 -28.34
C THR A 234 9.78 -13.78 -29.07
N ASP A 235 10.16 -13.52 -30.33
CA ASP A 235 9.47 -12.52 -31.15
C ASP A 235 8.12 -13.01 -31.72
N THR A 236 7.67 -14.20 -31.42
CA THR A 236 6.51 -14.81 -32.09
C THR A 236 5.24 -13.94 -31.94
N ALA A 237 4.81 -13.60 -30.70
CA ALA A 237 3.56 -12.87 -30.51
C ALA A 237 3.63 -11.54 -31.26
N TYR A 238 4.75 -10.85 -31.22
CA TYR A 238 4.92 -9.50 -31.79
C TYR A 238 4.69 -9.63 -33.32
N LYS A 239 5.39 -10.58 -33.89
CA LYS A 239 5.25 -10.89 -35.34
C LYS A 239 3.82 -11.27 -35.69
N ALA A 240 3.24 -12.25 -35.05
CA ALA A 240 1.86 -12.68 -35.37
C ALA A 240 0.87 -11.51 -35.23
N LEU A 241 1.00 -10.65 -34.19
CA LEU A 241 0.04 -9.54 -34.03
C LEU A 241 0.15 -8.50 -35.17
N ALA A 242 1.35 -8.13 -35.56
CA ALA A 242 1.56 -7.22 -36.68
C ALA A 242 1.02 -7.90 -37.97
N GLN A 243 1.25 -9.20 -38.14
CA GLN A 243 0.93 -9.89 -39.43
C GLN A 243 -0.59 -9.84 -39.53
N ASN A 244 -1.30 -9.76 -38.37
CA ASN A 244 -2.77 -9.83 -38.30
C ASN A 244 -3.37 -8.46 -38.04
N GLY A 245 -2.66 -7.41 -38.37
CA GLY A 245 -3.27 -6.08 -38.49
C GLY A 245 -2.86 -5.08 -37.40
N ALA A 246 -1.92 -5.39 -36.49
CA ALA A 246 -1.59 -4.35 -35.46
C ALA A 246 -0.89 -3.14 -36.09
N LYS A 247 -1.38 -1.94 -35.88
CA LYS A 247 -0.71 -0.68 -36.31
C LYS A 247 0.29 -0.17 -35.24
N ALA A 248 0.05 -0.60 -34.01
CA ALA A 248 1.00 -0.41 -32.88
C ALA A 248 0.97 -1.64 -32.02
N LEU A 249 2.12 -1.88 -31.38
CA LEU A 249 2.35 -2.97 -30.45
C LEU A 249 2.70 -2.29 -29.11
N ILE A 250 1.95 -2.68 -28.12
CA ILE A 250 2.35 -2.31 -26.71
C ILE A 250 3.17 -3.50 -26.24
N HIS A 251 4.37 -3.25 -25.92
CA HIS A 251 5.30 -4.17 -25.22
C HIS A 251 5.11 -4.06 -23.70
N ALA A 252 4.59 -5.09 -23.08
CA ALA A 252 4.37 -5.19 -21.63
C ALA A 252 5.65 -5.79 -21.05
N GLY A 253 6.65 -4.97 -21.02
CA GLY A 253 8.03 -5.39 -20.66
C GLY A 253 8.20 -5.79 -19.17
N THR A 254 9.25 -6.52 -18.89
CA THR A 254 9.83 -6.65 -17.53
C THR A 254 10.40 -5.29 -17.14
N GLY A 255 10.49 -5.01 -15.84
CA GLY A 255 11.20 -3.82 -15.39
C GLY A 255 10.82 -2.54 -16.05
N ASN A 256 11.84 -1.74 -16.39
CA ASN A 256 11.60 -0.39 -16.96
C ASN A 256 11.34 -0.57 -18.48
N GLY A 257 10.32 -1.30 -18.80
CA GLY A 257 9.96 -1.61 -20.21
C GLY A 257 11.01 -2.39 -20.96
N SER A 258 11.84 -3.17 -20.28
CA SER A 258 12.99 -3.85 -20.91
C SER A 258 12.50 -4.74 -22.05
N VAL A 259 13.42 -4.96 -22.97
CA VAL A 259 13.18 -5.81 -24.19
C VAL A 259 14.34 -6.81 -24.27
N SER A 260 13.96 -8.08 -24.39
CA SER A 260 14.89 -9.21 -24.55
C SER A 260 15.73 -8.98 -25.81
N SER A 261 17.00 -9.34 -25.77
CA SER A 261 17.87 -9.27 -27.00
C SER A 261 17.30 -10.20 -28.11
N ARG A 262 16.46 -11.17 -27.79
CA ARG A 262 15.82 -12.03 -28.82
C ARG A 262 14.65 -11.30 -29.50
N VAL A 263 14.21 -10.18 -28.95
CA VAL A 263 12.98 -9.52 -29.45
C VAL A 263 13.36 -8.22 -30.16
N VAL A 264 14.44 -7.58 -29.75
CA VAL A 264 14.78 -6.25 -30.27
C VAL A 264 14.79 -6.27 -31.81
N PRO A 265 15.41 -7.27 -32.49
CA PRO A 265 15.56 -7.20 -33.95
C PRO A 265 14.19 -7.20 -34.62
N ALA A 266 13.30 -8.00 -34.10
CA ALA A 266 11.94 -8.07 -34.67
C ALA A 266 11.30 -6.69 -34.52
N LEU A 267 11.48 -6.03 -33.35
CA LEU A 267 10.82 -4.74 -33.14
C LEU A 267 11.44 -3.67 -34.01
N GLN A 268 12.74 -3.70 -34.26
CA GLN A 268 13.37 -2.76 -35.21
C GLN A 268 12.75 -2.97 -36.60
N GLU A 269 12.46 -4.22 -36.95
CA GLU A 269 11.99 -4.56 -38.31
C GLU A 269 10.55 -4.09 -38.45
N LEU A 270 9.71 -4.32 -37.43
CA LEU A 270 8.31 -3.85 -37.45
C LEU A 270 8.25 -2.32 -37.48
N ARG A 271 9.12 -1.64 -36.76
CA ARG A 271 9.09 -0.16 -36.75
C ARG A 271 9.40 0.31 -38.16
N LYS A 272 10.41 -0.30 -38.76
CA LYS A 272 10.82 0.05 -40.16
C LYS A 272 9.66 -0.17 -41.13
N ASN A 273 8.81 -1.14 -40.90
CA ASN A 273 7.60 -1.39 -41.74
C ASN A 273 6.39 -0.59 -41.31
N GLY A 274 6.49 0.32 -40.35
CA GLY A 274 5.43 1.32 -40.09
C GLY A 274 4.66 1.07 -38.79
N VAL A 275 4.99 0.03 -38.02
CA VAL A 275 4.29 -0.35 -36.77
C VAL A 275 4.93 0.43 -35.61
N GLN A 276 4.11 1.25 -34.93
CA GLN A 276 4.61 1.96 -33.70
C GLN A 276 4.99 0.92 -32.65
N ILE A 277 6.03 1.21 -31.88
CA ILE A 277 6.55 0.28 -30.83
C ILE A 277 6.49 1.10 -29.53
N ILE A 278 5.64 0.74 -28.62
CA ILE A 278 5.37 1.52 -27.34
C ILE A 278 5.79 0.63 -26.16
N ARG A 279 6.73 1.09 -25.34
CA ARG A 279 7.26 0.26 -24.23
C ARG A 279 6.50 0.67 -22.97
N SER A 280 5.64 -0.24 -22.57
CA SER A 280 4.99 -0.28 -21.26
C SER A 280 5.71 -1.30 -20.35
N SER A 281 5.08 -1.69 -19.25
CA SER A 281 5.64 -2.75 -18.40
C SER A 281 4.56 -3.45 -17.68
N HIS A 282 4.91 -4.55 -17.03
CA HIS A 282 4.03 -5.19 -16.06
C HIS A 282 4.57 -4.94 -14.63
N VAL A 283 5.11 -3.76 -14.44
CA VAL A 283 5.49 -3.24 -13.08
C VAL A 283 4.51 -2.11 -12.84
N ASN A 284 3.37 -2.39 -12.19
CA ASN A 284 2.19 -1.50 -12.35
C ASN A 284 1.81 -0.78 -11.06
N GLN A 285 2.54 -0.95 -9.94
CA GLN A 285 2.14 -0.30 -8.67
CA GLN A 285 2.13 -0.31 -8.67
C GLN A 285 2.69 1.11 -8.55
N GLY A 286 3.78 1.48 -9.21
CA GLY A 286 4.35 2.83 -9.21
C GLY A 286 5.50 2.98 -10.16
N GLY A 287 6.06 4.18 -10.24
CA GLY A 287 7.12 4.53 -11.15
C GLY A 287 6.59 4.70 -12.58
N PHE A 288 7.52 4.71 -13.49
CA PHE A 288 7.15 4.84 -14.91
C PHE A 288 8.30 4.30 -15.73
N VAL A 289 8.08 4.21 -17.05
CA VAL A 289 9.11 3.82 -18.01
C VAL A 289 9.77 5.06 -18.61
N LEU A 290 11.06 5.13 -18.45
CA LEU A 290 11.94 6.27 -18.75
C LEU A 290 12.47 6.10 -20.20
N ARG A 291 12.25 7.11 -21.02
CA ARG A 291 12.80 7.14 -22.39
C ARG A 291 14.33 6.98 -22.38
N ASN A 292 14.81 6.15 -23.33
CA ASN A 292 16.25 5.92 -23.59
C ASN A 292 16.92 5.22 -22.42
N ALA A 293 16.24 4.76 -21.36
CA ALA A 293 17.01 4.12 -20.26
C ALA A 293 17.33 2.67 -20.59
N GLU A 294 16.31 1.83 -20.82
CA GLU A 294 16.53 0.38 -21.02
C GLU A 294 16.83 0.11 -22.50
N GLN A 295 16.39 1.00 -23.38
CA GLN A 295 16.50 0.79 -24.86
C GLN A 295 16.71 2.14 -25.52
N PRO A 296 17.38 2.20 -26.69
CA PRO A 296 17.69 3.47 -27.33
C PRO A 296 16.46 3.84 -28.17
N ASP A 297 15.50 4.48 -27.54
CA ASP A 297 14.22 4.78 -28.18
C ASP A 297 14.44 5.81 -29.29
N ASP A 298 15.35 6.74 -29.12
CA ASP A 298 15.59 7.82 -30.13
C ASP A 298 16.13 7.20 -31.41
N LYS A 299 17.13 6.33 -31.22
CA LYS A 299 17.79 5.60 -32.35
C LYS A 299 16.79 4.69 -33.06
N ASN A 300 15.91 3.99 -32.34
CA ASN A 300 14.94 3.03 -32.88
C ASN A 300 13.63 3.69 -33.32
N ASP A 301 13.41 4.96 -33.00
CA ASP A 301 12.13 5.65 -33.22
C ASP A 301 10.98 4.90 -32.53
N TRP A 302 11.20 4.54 -31.25
CA TRP A 302 10.19 3.93 -30.37
C TRP A 302 9.65 4.98 -29.37
N VAL A 303 8.59 4.61 -28.69
CA VAL A 303 7.90 5.49 -27.74
C VAL A 303 7.90 4.75 -26.38
N VAL A 304 7.99 5.51 -25.28
CA VAL A 304 7.70 4.88 -23.94
C VAL A 304 6.32 5.30 -23.44
N ALA A 305 5.65 4.44 -22.68
CA ALA A 305 4.26 4.61 -22.21
C ALA A 305 4.23 5.43 -20.87
N HIS A 306 5.37 5.90 -20.42
CA HIS A 306 5.41 6.75 -19.16
C HIS A 306 4.84 5.84 -18.07
N ASP A 307 3.87 6.25 -17.23
CA ASP A 307 3.36 5.40 -16.15
C ASP A 307 2.23 4.50 -16.56
N LEU A 308 1.77 4.55 -17.84
CA LEU A 308 0.53 3.86 -18.16
C LEU A 308 0.78 2.38 -18.36
N ASN A 309 -0.07 1.57 -17.77
CA ASN A 309 -0.04 0.11 -17.81
C ASN A 309 -0.38 -0.31 -19.27
N PRO A 310 -0.13 -1.58 -19.62
CA PRO A 310 -0.23 -1.93 -21.09
C PRO A 310 -1.60 -1.65 -21.71
N GLN A 311 -2.65 -1.98 -21.01
CA GLN A 311 -4.08 -1.85 -21.51
C GLN A 311 -4.40 -0.36 -21.60
N LYS A 312 -3.92 0.48 -20.68
CA LYS A 312 -4.12 1.94 -20.80
C LYS A 312 -3.30 2.50 -21.95
N ALA A 313 -2.08 2.01 -22.14
CA ALA A 313 -1.21 2.54 -23.20
C ALA A 313 -1.81 2.14 -24.56
N ARG A 314 -2.44 1.02 -24.62
CA ARG A 314 -3.19 0.59 -25.84
C ARG A 314 -4.30 1.63 -26.14
N ILE A 315 -5.14 1.98 -25.18
CA ILE A 315 -6.20 3.03 -25.37
C ILE A 315 -5.60 4.31 -25.88
N LEU A 316 -4.55 4.84 -25.25
CA LEU A 316 -3.95 6.09 -25.64
C LEU A 316 -3.34 5.93 -27.06
N ALA A 317 -2.71 4.80 -27.35
CA ALA A 317 -2.08 4.61 -28.69
C ALA A 317 -3.21 4.68 -29.75
N MET A 318 -4.33 4.02 -29.53
CA MET A 318 -5.43 4.00 -30.54
CA MET A 318 -5.41 4.01 -30.57
C MET A 318 -5.92 5.44 -30.76
N VAL A 319 -6.17 6.14 -29.68
CA VAL A 319 -6.66 7.52 -29.78
C VAL A 319 -5.61 8.41 -30.48
N ALA A 320 -4.32 8.38 -30.07
CA ALA A 320 -3.30 9.24 -30.58
C ALA A 320 -3.20 9.01 -32.13
N MET A 321 -3.31 7.76 -32.50
CA MET A 321 -3.04 7.34 -33.93
C MET A 321 -4.19 7.77 -34.86
N THR A 322 -5.31 8.22 -34.33
CA THR A 322 -6.42 8.87 -35.11
C THR A 322 -5.94 10.22 -35.59
N LYS A 323 -4.87 10.74 -34.99
CA LYS A 323 -4.41 12.09 -35.27
C LYS A 323 -3.04 12.10 -35.93
N THR A 324 -2.07 11.26 -35.54
CA THR A 324 -0.65 11.40 -35.97
C THR A 324 0.01 10.04 -36.17
N GLN A 325 1.05 9.97 -37.01
CA GLN A 325 1.86 8.72 -37.11
C GLN A 325 3.31 9.09 -36.83
N ASP A 326 3.55 10.31 -36.36
CA ASP A 326 4.89 10.81 -36.04
C ASP A 326 5.18 10.27 -34.60
N SER A 327 6.25 9.52 -34.41
CA SER A 327 6.61 8.90 -33.11
C SER A 327 6.97 10.00 -32.09
N LYS A 328 7.48 11.15 -32.52
CA LYS A 328 7.87 12.27 -31.61
C LYS A 328 6.58 12.88 -31.05
N GLU A 329 5.53 13.00 -31.87
CA GLU A 329 4.21 13.47 -31.41
C GLU A 329 3.59 12.41 -30.53
N LEU A 330 3.63 11.12 -30.91
CA LEU A 330 3.13 10.08 -29.99
C LEU A 330 3.83 10.19 -28.61
N GLN A 331 5.13 10.40 -28.58
CA GLN A 331 5.89 10.44 -27.27
C GLN A 331 5.33 11.67 -26.50
N ARG A 332 5.15 12.83 -27.17
CA ARG A 332 4.54 14.01 -26.52
C ARG A 332 3.20 13.64 -25.89
N ILE A 333 2.32 13.01 -26.65
CA ILE A 333 1.01 12.59 -26.17
C ILE A 333 1.17 11.70 -24.89
N PHE A 334 2.06 10.73 -24.95
CA PHE A 334 2.32 9.80 -23.80
C PHE A 334 2.87 10.59 -22.60
N TRP A 335 3.42 11.76 -22.79
CA TRP A 335 3.92 12.63 -21.70
C TRP A 335 2.88 13.65 -21.23
N GLU A 336 1.79 13.88 -21.96
CA GLU A 336 0.80 14.91 -21.55
C GLU A 336 -0.55 14.37 -21.10
N TYR A 337 -0.91 13.14 -21.40
CA TYR A 337 -2.21 12.51 -21.16
C TYR A 337 -2.06 11.37 -20.14
N LYS B 8 35.12 -19.74 11.91
CA LYS B 8 33.81 -19.82 12.67
C LYS B 8 32.69 -19.08 11.94
N LEU B 9 33.03 -18.03 11.22
CA LEU B 9 32.04 -17.31 10.37
C LEU B 9 31.43 -18.31 9.36
N ALA B 10 30.22 -18.05 8.87
CA ALA B 10 29.54 -18.87 7.86
C ALA B 10 30.25 -18.74 6.49
N ASN B 11 30.25 -19.82 5.73
CA ASN B 11 30.77 -19.82 4.35
C ASN B 11 29.61 -19.40 3.46
N VAL B 12 29.76 -18.28 2.82
CA VAL B 12 28.74 -17.83 1.83
C VAL B 12 29.37 -17.69 0.46
N VAL B 13 28.69 -18.30 -0.51
CA VAL B 13 29.15 -18.17 -1.89
C VAL B 13 28.19 -17.23 -2.62
N ILE B 14 28.77 -16.34 -3.32
CA ILE B 14 28.06 -15.41 -4.26
C ILE B 14 28.15 -15.92 -5.69
N LEU B 15 27.00 -16.15 -6.32
CA LEU B 15 26.89 -16.50 -7.74
C LEU B 15 26.43 -15.25 -8.47
N ALA B 16 27.29 -14.65 -9.25
CA ALA B 16 26.95 -13.43 -9.99
C ALA B 16 26.36 -13.79 -11.35
N THR B 17 25.29 -13.11 -11.79
CA THR B 17 24.67 -13.36 -13.11
C THR B 17 24.57 -12.10 -13.97
N GLY B 18 24.91 -10.89 -13.46
CA GLY B 18 24.77 -9.64 -14.20
C GLY B 18 23.83 -8.67 -13.50
N GLY B 19 23.12 -7.84 -14.30
CA GLY B 19 22.21 -6.81 -13.72
C GLY B 19 22.87 -5.48 -13.38
N THR B 20 22.04 -4.50 -13.03
CA THR B 20 22.48 -3.12 -12.66
C THR B 20 23.35 -3.16 -11.41
N ILE B 21 23.18 -4.17 -10.57
CA ILE B 21 24.01 -4.27 -9.34
C ILE B 21 25.51 -4.38 -9.75
N ALA B 22 25.82 -4.89 -10.95
CA ALA B 22 27.21 -5.05 -11.50
C ALA B 22 27.51 -4.03 -12.62
N GLY B 23 26.70 -2.97 -12.75
CA GLY B 23 26.88 -1.93 -13.77
C GLY B 23 28.15 -1.11 -13.54
N LEU B 39 30.90 -5.41 -14.31
CA LEU B 39 31.87 -5.62 -13.20
C LEU B 39 31.85 -7.12 -12.83
N GLY B 40 33.04 -7.71 -12.67
CA GLY B 40 33.16 -9.07 -12.11
C GLY B 40 32.67 -9.24 -10.68
N VAL B 41 32.40 -10.48 -10.29
CA VAL B 41 32.01 -10.79 -8.90
C VAL B 41 33.12 -10.28 -7.95
N ASP B 42 34.38 -10.29 -8.39
CA ASP B 42 35.49 -9.85 -7.52
C ASP B 42 35.33 -8.36 -7.19
N LYS B 43 34.97 -7.54 -8.16
CA LYS B 43 34.63 -6.12 -7.89
C LYS B 43 33.40 -5.92 -7.01
N LEU B 44 32.33 -6.73 -7.14
CA LEU B 44 31.18 -6.66 -6.20
C LEU B 44 31.65 -6.95 -4.80
N ILE B 45 32.47 -7.97 -4.60
CA ILE B 45 32.89 -8.32 -3.22
C ILE B 45 33.78 -7.20 -2.67
N ALA B 46 34.70 -6.70 -3.49
CA ALA B 46 35.67 -5.63 -3.09
C ALA B 46 34.91 -4.35 -2.71
N GLY B 47 33.83 -4.07 -3.43
CA GLY B 47 32.89 -2.94 -3.21
C GLY B 47 32.24 -2.91 -1.82
N VAL B 48 32.17 -4.02 -1.09
CA VAL B 48 31.56 -4.14 0.24
C VAL B 48 32.58 -4.73 1.21
N PRO B 49 33.62 -3.97 1.64
CA PRO B 49 34.68 -4.58 2.45
C PRO B 49 34.15 -5.13 3.79
N GLU B 50 32.98 -4.67 4.26
CA GLU B 50 32.37 -5.14 5.52
C GLU B 50 31.87 -6.60 5.42
N LEU B 51 31.76 -7.20 4.23
CA LEU B 51 31.31 -8.60 4.11
C LEU B 51 32.28 -9.48 4.96
N ALA B 52 33.59 -9.12 5.02
CA ALA B 52 34.62 -9.94 5.73
C ALA B 52 34.29 -10.05 7.22
N ASP B 53 33.51 -9.12 7.77
CA ASP B 53 33.14 -9.11 9.21
C ASP B 53 32.02 -10.12 9.51
N ILE B 54 31.21 -10.49 8.52
CA ILE B 54 30.01 -11.30 8.83
C ILE B 54 30.06 -12.70 8.18
N ALA B 55 30.97 -12.95 7.23
CA ALA B 55 31.03 -14.24 6.53
C ALA B 55 32.40 -14.41 5.88
N ASN B 56 32.72 -15.68 5.63
CA ASN B 56 33.80 -16.05 4.72
C ASN B 56 33.19 -16.13 3.34
N VAL B 57 33.39 -15.11 2.55
CA VAL B 57 32.68 -14.99 1.24
C VAL B 57 33.60 -15.49 0.13
N ARG B 58 33.04 -16.27 -0.80
CA ARG B 58 33.71 -16.60 -2.09
C ARG B 58 32.72 -16.32 -3.22
N GLY B 59 33.23 -16.13 -4.40
CA GLY B 59 32.46 -15.76 -5.58
C GLY B 59 32.63 -16.71 -6.74
N GLU B 60 31.68 -16.68 -7.66
CA GLU B 60 31.75 -17.34 -8.96
C GLU B 60 30.91 -16.54 -9.97
N GLN B 61 31.46 -16.28 -11.11
CA GLN B 61 30.73 -15.62 -12.17
C GLN B 61 30.01 -16.71 -12.95
N VAL B 62 28.71 -16.86 -12.75
CA VAL B 62 27.93 -17.86 -13.51
C VAL B 62 27.64 -17.33 -14.93
N MET B 63 27.28 -16.06 -15.11
CA MET B 63 26.96 -15.43 -16.42
C MET B 63 27.04 -13.92 -16.25
N GLN B 64 26.95 -13.14 -17.31
CA GLN B 64 27.02 -11.65 -17.24
C GLN B 64 25.93 -11.19 -18.22
N ILE B 65 24.70 -11.19 -17.81
CA ILE B 65 23.58 -10.90 -18.74
C ILE B 65 22.69 -9.80 -18.16
N ALA B 66 21.95 -9.18 -19.08
CA ALA B 66 20.80 -8.38 -18.68
C ALA B 66 19.65 -9.38 -18.41
N SER B 67 18.99 -9.37 -17.24
CA SER B 67 18.05 -10.41 -16.83
C SER B 67 16.83 -10.46 -17.76
N GLU B 68 16.55 -9.38 -18.48
CA GLU B 68 15.35 -9.38 -19.40
C GLU B 68 15.64 -10.34 -20.57
N SER B 69 16.90 -10.73 -20.70
CA SER B 69 17.38 -11.56 -21.85
C SER B 69 17.65 -12.98 -21.41
N ILE B 70 17.34 -13.34 -20.20
CA ILE B 70 17.61 -14.69 -19.64
C ILE B 70 16.91 -15.78 -20.49
N SER B 71 17.57 -16.95 -20.61
CA SER B 71 16.95 -18.15 -21.24
C SER B 71 16.62 -19.23 -20.20
N ASN B 72 15.88 -20.23 -20.66
CA ASN B 72 15.65 -21.42 -19.88
C ASN B 72 16.97 -22.15 -19.68
N ASP B 73 17.86 -22.15 -20.69
CA ASP B 73 19.21 -22.76 -20.52
C ASP B 73 20.00 -22.05 -19.40
N ASP B 74 19.87 -20.71 -19.28
CA ASP B 74 20.53 -19.95 -18.18
C ASP B 74 19.93 -20.37 -16.86
N LEU B 75 18.61 -20.55 -16.74
CA LEU B 75 18.00 -20.98 -15.47
C LEU B 75 18.48 -22.36 -15.09
N LEU B 76 18.47 -23.29 -16.03
CA LEU B 76 18.98 -24.64 -15.73
C LEU B 76 20.41 -24.62 -15.25
N LYS B 77 21.25 -23.86 -15.90
CA LYS B 77 22.66 -23.78 -15.54
C LYS B 77 22.83 -23.25 -14.11
N LEU B 78 22.09 -22.15 -13.82
CA LEU B 78 22.20 -21.53 -12.49
C LEU B 78 21.66 -22.53 -11.48
N GLY B 79 20.52 -23.17 -11.73
CA GLY B 79 19.96 -24.12 -10.81
C GLY B 79 20.92 -25.27 -10.49
N LYS B 80 21.66 -25.76 -11.46
CA LYS B 80 22.62 -26.87 -11.20
C LYS B 80 23.83 -26.41 -10.39
N ARG B 81 24.32 -25.18 -10.60
CA ARG B 81 25.38 -24.57 -9.76
C ARG B 81 24.88 -24.41 -8.35
N VAL B 82 23.68 -23.90 -8.19
CA VAL B 82 23.15 -23.79 -6.80
C VAL B 82 23.14 -25.16 -6.15
N ALA B 83 22.66 -26.21 -6.83
CA ALA B 83 22.48 -27.54 -6.23
C ALA B 83 23.86 -28.10 -5.83
N GLU B 84 24.85 -27.98 -6.64
CA GLU B 84 26.20 -28.55 -6.31
C GLU B 84 26.75 -27.87 -5.06
N LEU B 85 26.66 -26.51 -5.01
CA LEU B 85 27.10 -25.72 -3.84
C LEU B 85 26.30 -26.06 -2.60
N ALA B 86 24.99 -26.26 -2.69
CA ALA B 86 24.15 -26.61 -1.53
C ALA B 86 24.57 -27.99 -1.02
N GLU B 87 24.87 -28.92 -1.92
CA GLU B 87 25.34 -30.28 -1.50
C GLU B 87 26.74 -30.22 -0.86
N SER B 88 27.54 -29.20 -1.05
CA SER B 88 28.90 -29.02 -0.50
C SER B 88 28.89 -28.78 0.99
N LYS B 89 29.60 -29.61 1.77
CA LYS B 89 29.68 -29.39 3.24
C LYS B 89 30.41 -28.07 3.53
N ASP B 90 31.13 -27.53 2.58
CA ASP B 90 31.96 -26.31 2.77
C ASP B 90 31.19 -25.01 2.41
N VAL B 91 29.87 -25.16 2.23
CA VAL B 91 28.99 -23.99 1.90
C VAL B 91 27.86 -23.95 2.92
N ASP B 92 27.59 -22.79 3.51
CA ASP B 92 26.51 -22.68 4.49
C ASP B 92 25.33 -21.88 3.90
N GLY B 93 25.61 -21.00 2.96
CA GLY B 93 24.55 -20.20 2.33
C GLY B 93 24.97 -19.77 0.97
N ILE B 94 23.97 -19.36 0.16
CA ILE B 94 24.20 -18.95 -1.22
C ILE B 94 23.45 -17.62 -1.49
N VAL B 95 24.17 -16.73 -2.08
CA VAL B 95 23.61 -15.45 -2.63
C VAL B 95 23.74 -15.51 -4.13
N ILE B 96 22.67 -15.11 -4.82
CA ILE B 96 22.70 -14.87 -6.27
C ILE B 96 22.52 -13.37 -6.55
N THR B 97 23.46 -12.69 -7.18
CA THR B 97 23.30 -11.28 -7.66
C THR B 97 22.64 -11.32 -9.04
N HIS B 98 21.64 -10.48 -9.29
CA HIS B 98 20.78 -10.72 -10.48
C HIS B 98 20.17 -9.41 -10.93
N GLY B 99 19.93 -9.24 -12.23
CA GLY B 99 19.13 -8.08 -12.71
C GLY B 99 17.74 -8.12 -12.09
N THR B 100 17.16 -6.92 -11.86
CA THR B 100 15.78 -6.87 -11.29
C THR B 100 14.73 -7.43 -12.21
N ASP B 101 14.86 -7.25 -13.51
CA ASP B 101 13.73 -7.51 -14.43
C ASP B 101 13.11 -8.91 -14.27
N THR B 102 13.91 -9.99 -14.22
CA THR B 102 13.39 -11.34 -14.04
C THR B 102 13.92 -11.98 -12.78
N LEU B 103 14.35 -11.18 -11.80
CA LEU B 103 14.73 -11.68 -10.48
C LEU B 103 13.60 -12.51 -9.85
N GLU B 104 12.33 -12.10 -9.94
CA GLU B 104 11.20 -12.81 -9.29
C GLU B 104 11.02 -14.22 -9.88
N GLU B 105 11.33 -14.37 -11.15
CA GLU B 105 11.21 -15.63 -11.94
C GLU B 105 12.33 -16.60 -11.52
N THR B 106 13.55 -16.14 -11.53
CA THR B 106 14.70 -16.93 -10.94
C THR B 106 14.42 -17.33 -9.51
N ALA B 107 13.98 -16.43 -8.62
CA ALA B 107 13.80 -16.78 -7.25
C ALA B 107 12.74 -17.84 -7.07
N PHE B 108 11.64 -17.78 -7.80
CA PHE B 108 10.57 -18.76 -7.63
C PHE B 108 11.05 -20.13 -8.19
N PHE B 109 11.74 -20.11 -9.30
CA PHE B 109 12.27 -21.34 -9.95
C PHE B 109 13.17 -22.06 -8.93
N LEU B 110 14.11 -21.35 -8.29
CA LEU B 110 15.02 -21.99 -7.30
C LEU B 110 14.21 -22.48 -6.12
N ASN B 111 13.17 -21.80 -5.73
CA ASN B 111 12.30 -22.17 -4.61
C ASN B 111 11.59 -23.51 -4.88
N LEU B 112 11.40 -23.82 -6.15
CA LEU B 112 10.66 -25.04 -6.54
C LEU B 112 11.62 -26.24 -6.66
N VAL B 113 12.84 -26.02 -7.09
CA VAL B 113 13.66 -27.16 -7.60
C VAL B 113 14.87 -27.43 -6.71
N GLU B 114 15.14 -26.58 -5.70
CA GLU B 114 16.38 -26.71 -4.88
C GLU B 114 16.01 -27.42 -3.61
N LYS B 115 16.40 -28.70 -3.48
CA LYS B 115 16.01 -29.49 -2.29
C LYS B 115 17.06 -29.37 -1.19
N THR B 116 17.21 -28.17 -0.61
CA THR B 116 18.21 -27.84 0.44
C THR B 116 17.48 -27.00 1.48
N ASP B 117 17.81 -27.20 2.74
CA ASP B 117 17.42 -26.29 3.82
C ASP B 117 18.42 -25.13 3.92
N LYS B 118 19.50 -25.16 3.17
CA LYS B 118 20.53 -24.11 3.25
C LYS B 118 19.89 -22.82 2.71
N PRO B 119 20.23 -21.67 3.27
CA PRO B 119 19.71 -20.40 2.74
C PRO B 119 20.19 -20.05 1.33
N ILE B 120 19.23 -19.64 0.49
CA ILE B 120 19.44 -19.17 -0.88
C ILE B 120 18.76 -17.77 -0.96
N VAL B 121 19.59 -16.80 -1.27
CA VAL B 121 19.14 -15.39 -1.31
C VAL B 121 19.40 -14.82 -2.68
N VAL B 122 18.38 -14.18 -3.30
CA VAL B 122 18.55 -13.53 -4.60
C VAL B 122 18.43 -12.02 -4.31
N VAL B 123 19.33 -11.29 -4.87
CA VAL B 123 19.48 -9.81 -4.71
C VAL B 123 19.96 -9.09 -5.96
N GLY B 124 19.46 -7.85 -6.10
CA GLY B 124 19.67 -6.94 -7.19
C GLY B 124 19.73 -5.54 -6.67
N SER B 125 19.90 -4.61 -7.57
CA SER B 125 19.87 -3.17 -7.22
C SER B 125 19.10 -2.42 -8.31
N MET B 126 18.52 -1.29 -7.91
CA MET B 126 17.84 -0.36 -8.87
C MET B 126 18.84 0.62 -9.48
N ARG B 127 19.97 0.87 -8.82
CA ARG B 127 20.98 1.87 -9.24
C ARG B 127 22.33 1.20 -9.32
N PRO B 128 23.23 1.57 -10.26
CA PRO B 128 24.58 1.05 -10.24
C PRO B 128 25.45 1.64 -9.15
N GLY B 129 26.54 0.94 -8.82
CA GLY B 129 27.39 1.22 -7.67
C GLY B 129 28.05 2.58 -7.78
N THR B 130 28.12 3.16 -8.98
CA THR B 130 28.76 4.50 -9.08
C THR B 130 27.70 5.59 -8.94
N ALA B 131 26.40 5.28 -8.92
CA ALA B 131 25.37 6.32 -8.91
C ALA B 131 25.32 6.94 -7.49
N MET B 132 24.79 8.16 -7.39
CA MET B 132 24.50 8.73 -6.03
C MET B 132 23.53 7.82 -5.25
N SER B 133 23.80 7.62 -3.96
CA SER B 133 22.94 6.87 -3.06
C SER B 133 22.60 5.51 -3.69
N ALA B 134 23.61 4.84 -4.27
CA ALA B 134 23.40 3.48 -4.86
C ALA B 134 23.01 2.48 -3.76
N ASP B 135 22.03 1.63 -4.07
CA ASP B 135 21.37 0.70 -3.14
C ASP B 135 22.14 -0.63 -3.05
N GLY B 136 22.95 -0.92 -4.06
CA GLY B 136 23.60 -2.24 -4.23
C GLY B 136 24.43 -2.69 -3.06
N MET B 137 25.20 -1.82 -2.48
CA MET B 137 26.19 -2.20 -1.44
C MET B 137 25.47 -2.73 -0.22
N LEU B 138 24.50 -1.99 0.28
CA LEU B 138 23.72 -2.49 1.40
C LEU B 138 22.85 -3.69 1.04
N ASN B 139 22.30 -3.77 -0.17
CA ASN B 139 21.49 -4.93 -0.50
C ASN B 139 22.40 -6.22 -0.45
N LEU B 140 23.63 -6.09 -0.89
CA LEU B 140 24.57 -7.27 -0.99
C LEU B 140 25.05 -7.62 0.40
N TYR B 141 25.34 -6.61 1.19
CA TYR B 141 25.66 -6.87 2.63
C TYR B 141 24.55 -7.64 3.31
N ASN B 142 23.29 -7.13 3.16
CA ASN B 142 22.14 -7.80 3.78
C ASN B 142 21.87 -9.22 3.22
N ALA B 143 22.09 -9.46 1.95
CA ALA B 143 21.94 -10.80 1.30
C ALA B 143 22.92 -11.81 1.96
N VAL B 144 24.11 -11.31 2.19
CA VAL B 144 25.17 -12.19 2.79
C VAL B 144 24.84 -12.45 4.27
N ALA B 145 24.38 -11.39 4.99
CA ALA B 145 23.93 -11.49 6.36
C ALA B 145 22.81 -12.52 6.46
N VAL B 146 21.76 -12.40 5.66
CA VAL B 146 20.66 -13.35 5.70
C VAL B 146 21.16 -14.78 5.33
N ALA B 147 21.98 -14.91 4.31
CA ALA B 147 22.52 -16.21 3.84
C ALA B 147 23.36 -16.86 4.93
N SER B 148 23.87 -16.07 5.87
CA SER B 148 24.77 -16.51 6.97
C SER B 148 23.97 -16.80 8.22
N ASP B 149 22.67 -16.51 8.24
CA ASP B 149 21.92 -16.52 9.50
C ASP B 149 21.24 -17.86 9.61
N LYS B 150 21.28 -18.51 10.77
CA LYS B 150 20.54 -19.78 10.99
C LYS B 150 19.03 -19.60 11.01
N GLN B 151 18.50 -18.39 11.24
CA GLN B 151 17.04 -18.23 11.09
C GLN B 151 16.59 -18.39 9.63
N SER B 152 17.47 -18.25 8.67
CA SER B 152 17.13 -18.35 7.22
C SER B 152 16.93 -19.81 6.75
N ARG B 153 17.49 -20.76 7.50
CA ARG B 153 17.40 -22.21 7.17
C ARG B 153 15.94 -22.61 7.10
N GLY B 154 15.60 -23.38 6.07
CA GLY B 154 14.25 -23.98 6.03
C GLY B 154 13.15 -23.01 5.65
N LYS B 155 13.50 -21.80 5.20
CA LYS B 155 12.50 -20.76 4.90
C LYS B 155 12.22 -20.63 3.41
N GLY B 156 12.86 -21.45 2.58
CA GLY B 156 12.77 -21.27 1.14
C GLY B 156 13.62 -20.12 0.66
N VAL B 157 13.59 -19.85 -0.65
CA VAL B 157 14.42 -18.82 -1.32
C VAL B 157 13.95 -17.40 -0.88
N LEU B 158 14.87 -16.59 -0.49
CA LEU B 158 14.57 -15.23 0.01
C LEU B 158 15.11 -14.19 -0.94
N VAL B 159 14.48 -13.00 -0.91
CA VAL B 159 14.95 -11.82 -1.63
C VAL B 159 15.13 -10.70 -0.60
N THR B 160 16.30 -10.07 -0.60
CA THR B 160 16.65 -9.13 0.49
C THR B 160 16.94 -7.73 -0.07
N MET B 161 15.93 -7.00 -0.49
CA MET B 161 16.11 -5.65 -0.99
C MET B 161 15.34 -4.70 -0.05
N ASN B 162 15.76 -3.44 0.05
CA ASN B 162 14.95 -2.39 0.72
C ASN B 162 14.87 -2.76 2.21
N ASP B 163 15.91 -3.50 2.78
CA ASP B 163 15.83 -3.88 4.25
C ASP B 163 14.72 -4.88 4.52
N GLU B 164 14.19 -5.55 3.51
CA GLU B 164 13.09 -6.51 3.70
C GLU B 164 13.62 -7.93 3.44
N ILE B 165 13.02 -8.88 4.08
CA ILE B 165 13.13 -10.32 3.69
C ILE B 165 11.79 -10.65 3.02
N GLN B 166 11.82 -10.90 1.74
CA GLN B 166 10.63 -11.27 0.95
C GLN B 166 10.76 -12.71 0.47
N SER B 167 9.63 -13.39 0.43
CA SER B 167 9.57 -14.74 -0.10
C SER B 167 9.92 -14.71 -1.57
N GLY B 168 10.79 -15.60 -2.01
CA GLY B 168 11.02 -15.74 -3.47
C GLY B 168 9.81 -16.26 -4.20
N ARG B 169 8.90 -16.89 -3.51
CA ARG B 169 7.66 -17.41 -4.16
C ARG B 169 6.88 -16.24 -4.75
N ASP B 170 6.56 -15.22 -3.92
CA ASP B 170 5.48 -14.27 -4.38
C ASP B 170 5.89 -12.82 -4.32
N VAL B 171 7.16 -12.54 -4.17
CA VAL B 171 7.69 -11.19 -4.38
C VAL B 171 7.74 -10.95 -5.87
N SER B 172 7.38 -9.75 -6.26
CA SER B 172 7.39 -9.34 -7.68
C SER B 172 7.97 -7.96 -7.83
N MET B 173 8.53 -7.66 -9.00
CA MET B 173 9.02 -6.31 -9.27
C MET B 173 7.70 -5.55 -9.55
N ALA B 174 7.28 -4.65 -8.66
CA ALA B 174 5.97 -3.99 -8.70
C ALA B 174 6.07 -2.47 -8.82
N VAL B 175 7.19 -1.87 -8.52
CA VAL B 175 7.40 -0.43 -8.57
C VAL B 175 8.65 -0.16 -9.40
N ASN B 176 8.57 0.61 -10.50
CA ASN B 176 9.73 0.98 -11.30
C ASN B 176 10.48 2.12 -10.59
N ILE B 177 11.75 2.23 -10.88
CA ILE B 177 12.67 3.33 -10.53
C ILE B 177 13.07 3.26 -9.02
N LYS B 178 12.07 3.19 -8.13
CA LYS B 178 12.33 3.33 -6.68
C LYS B 178 13.00 2.06 -6.13
N THR B 179 13.73 2.27 -4.99
CA THR B 179 14.39 1.13 -4.34
C THR B 179 13.41 0.18 -3.68
N GLU B 180 12.17 0.57 -3.41
CA GLU B 180 11.12 -0.34 -2.90
C GLU B 180 10.42 -1.10 -4.02
N ALA B 181 11.14 -1.35 -5.09
CA ALA B 181 10.59 -2.03 -6.29
C ALA B 181 9.91 -3.34 -5.95
N PHE B 182 10.42 -4.16 -5.01
CA PHE B 182 9.94 -5.56 -4.79
C PHE B 182 8.93 -5.65 -3.68
N LYS B 183 7.71 -6.15 -4.01
CA LYS B 183 6.55 -6.25 -3.12
C LYS B 183 5.92 -7.62 -3.29
N SER B 184 5.30 -8.03 -2.22
CA SER B 184 4.41 -9.21 -2.23
C SER B 184 3.02 -8.82 -1.79
N ALA B 185 2.03 -9.43 -2.41
CA ALA B 185 0.64 -9.25 -1.93
C ALA B 185 0.46 -9.70 -0.48
N TRP B 186 1.24 -10.68 -0.03
CA TRP B 186 1.14 -11.28 1.32
C TRP B 186 2.20 -10.67 2.23
N GLY B 187 2.79 -9.57 1.84
CA GLY B 187 3.66 -8.87 2.78
C GLY B 187 5.09 -9.37 2.83
N PRO B 188 6.01 -8.53 3.36
CA PRO B 188 7.35 -9.03 3.65
C PRO B 188 7.24 -10.06 4.77
N MET B 189 8.21 -11.00 4.85
CA MET B 189 8.22 -11.96 5.96
C MET B 189 9.07 -11.47 7.13
N GLY B 190 9.93 -10.54 6.85
CA GLY B 190 10.83 -9.99 7.89
C GLY B 190 11.57 -8.80 7.37
N MET B 191 12.52 -8.30 8.15
CA MET B 191 13.39 -7.22 7.77
C MET B 191 14.85 -7.55 8.12
N VAL B 192 15.79 -6.94 7.47
CA VAL B 192 17.22 -7.07 7.83
C VAL B 192 17.76 -5.67 8.08
N VAL B 193 18.21 -5.49 9.31
CA VAL B 193 18.68 -4.18 9.84
C VAL B 193 20.00 -4.38 10.62
N GLU B 194 20.99 -3.59 10.28
CA GLU B 194 22.33 -3.67 10.88
C GLU B 194 22.78 -5.16 10.77
N GLY B 195 22.47 -5.84 9.66
CA GLY B 195 22.87 -7.23 9.45
C GLY B 195 22.05 -8.26 10.20
N LYS B 196 21.13 -7.85 11.07
CA LYS B 196 20.36 -8.79 11.89
C LYS B 196 19.00 -8.99 11.22
N SER B 197 18.55 -10.18 11.30
CA SER B 197 17.26 -10.60 10.72
C SER B 197 16.15 -10.63 11.76
N TYR B 198 14.96 -10.07 11.39
CA TYR B 198 13.81 -9.94 12.30
C TYR B 198 12.63 -10.51 11.52
N TRP B 199 12.09 -11.60 11.99
CA TRP B 199 11.04 -12.39 11.30
C TRP B 199 9.69 -12.10 11.90
N PHE B 200 8.65 -11.97 11.05
CA PHE B 200 7.27 -11.73 11.49
C PHE B 200 6.26 -12.71 10.89
N ARG B 201 6.57 -13.36 9.77
CA ARG B 201 5.73 -14.40 9.14
C ARG B 201 6.61 -15.56 8.67
N LEU B 202 5.97 -16.70 8.45
CA LEU B 202 6.63 -17.83 7.82
C LEU B 202 5.93 -18.18 6.52
N PRO B 203 6.62 -18.87 5.60
CA PRO B 203 6.00 -19.42 4.42
C PRO B 203 4.94 -20.47 4.74
N ALA B 204 3.88 -20.46 3.94
CA ALA B 204 2.80 -21.48 4.01
C ALA B 204 2.90 -22.48 2.86
N LYS B 205 3.39 -22.05 1.75
CA LYS B 205 3.37 -22.86 0.52
C LYS B 205 4.58 -23.82 0.49
N ARG B 206 4.52 -24.85 -0.36
CA ARG B 206 5.59 -25.88 -0.41
C ARG B 206 6.80 -25.26 -1.11
N HIS B 207 7.98 -25.61 -0.64
CA HIS B 207 9.23 -25.08 -1.21
C HIS B 207 10.41 -26.03 -0.88
N THR B 208 11.45 -25.87 -1.67
CA THR B 208 12.82 -26.37 -1.45
C THR B 208 12.74 -27.79 -0.87
N VAL B 209 13.03 -27.96 0.39
CA VAL B 209 13.23 -29.34 0.94
C VAL B 209 11.91 -30.12 0.91
N ASN B 210 10.73 -29.48 0.84
CA ASN B 210 9.45 -30.25 0.84
CA ASN B 210 9.43 -30.21 0.87
C ASN B 210 8.78 -30.18 -0.53
N SER B 211 9.47 -29.74 -1.54
CA SER B 211 9.02 -29.74 -2.95
C SER B 211 9.12 -31.14 -3.57
N GLU B 212 8.19 -31.46 -4.47
CA GLU B 212 8.19 -32.74 -5.22
C GLU B 212 9.09 -32.60 -6.43
N PHE B 213 9.57 -31.40 -6.77
CA PHE B 213 10.49 -31.18 -7.90
C PHE B 213 11.95 -31.16 -7.39
N ASP B 214 12.87 -31.47 -8.27
CA ASP B 214 14.33 -31.53 -7.97
C ASP B 214 15.11 -31.25 -9.24
N ILE B 215 15.93 -30.19 -9.26
CA ILE B 215 16.78 -29.76 -10.41
C ILE B 215 17.65 -30.99 -10.85
N LYS B 216 17.89 -31.92 -9.91
CA LYS B 216 18.80 -33.07 -10.15
C LYS B 216 18.17 -34.00 -11.18
N GLN B 217 16.84 -33.99 -11.25
CA GLN B 217 16.07 -34.83 -12.21
C GLN B 217 15.56 -34.02 -13.42
N ILE B 218 16.04 -32.80 -13.70
CA ILE B 218 15.51 -31.94 -14.80
C ILE B 218 16.62 -31.62 -15.76
N SER B 219 16.51 -32.05 -17.01
CA SER B 219 17.53 -31.77 -18.08
C SER B 219 16.99 -30.80 -19.14
N SER B 220 15.68 -30.61 -19.22
CA SER B 220 15.15 -29.55 -20.09
C SER B 220 13.84 -29.07 -19.51
N LEU B 221 13.42 -27.91 -19.98
CA LEU B 221 12.15 -27.34 -19.51
C LEU B 221 11.24 -27.27 -20.70
N PRO B 222 10.00 -27.71 -20.52
CA PRO B 222 8.95 -27.52 -21.53
C PRO B 222 8.80 -26.05 -21.91
N GLN B 223 8.50 -25.82 -23.18
CA GLN B 223 8.20 -24.48 -23.70
C GLN B 223 6.85 -24.00 -23.18
N VAL B 224 6.86 -22.81 -22.52
CA VAL B 224 5.62 -22.20 -21.93
C VAL B 224 5.65 -20.71 -22.28
N ASP B 225 4.54 -20.20 -22.80
CA ASP B 225 4.47 -18.78 -23.25
C ASP B 225 3.26 -18.10 -22.61
N ILE B 226 3.25 -16.76 -22.74
CA ILE B 226 2.24 -15.87 -22.12
C ILE B 226 1.57 -14.98 -23.15
N ALA B 227 0.26 -14.94 -23.07
CA ALA B 227 -0.58 -14.04 -23.85
C ALA B 227 -1.44 -13.13 -22.96
N TYR B 228 -1.60 -11.88 -23.35
CA TYR B 228 -2.25 -10.79 -22.57
C TYR B 228 -3.71 -10.64 -22.97
N GLY B 229 -4.59 -10.45 -22.00
CA GLY B 229 -6.02 -10.10 -22.22
C GLY B 229 -6.30 -8.65 -22.02
N TYR B 230 -7.11 -8.07 -22.89
CA TYR B 230 -7.43 -6.64 -22.91
C TYR B 230 -8.66 -6.47 -23.83
N GLY B 231 -9.21 -5.29 -23.86
CA GLY B 231 -10.31 -4.98 -24.82
C GLY B 231 -9.90 -5.33 -26.24
N ASN B 232 -10.84 -5.92 -26.96
CA ASN B 232 -10.70 -6.23 -28.43
C ASN B 232 -9.58 -7.22 -28.70
N VAL B 233 -9.08 -7.91 -27.70
CA VAL B 233 -8.01 -8.91 -27.93
C VAL B 233 -8.64 -10.02 -28.81
N THR B 234 -7.78 -10.65 -29.59
CA THR B 234 -8.20 -11.77 -30.47
C THR B 234 -7.46 -13.03 -30.08
N ASP B 235 -7.71 -14.12 -30.79
CA ASP B 235 -6.93 -15.35 -30.51
C ASP B 235 -5.58 -15.35 -31.20
N THR B 236 -5.17 -14.32 -31.87
CA THR B 236 -3.93 -14.37 -32.66
C THR B 236 -2.71 -14.83 -31.85
N ALA B 237 -2.37 -14.13 -30.76
CA ALA B 237 -1.11 -14.43 -30.05
C ALA B 237 -1.19 -15.84 -29.51
N TYR B 238 -2.32 -16.28 -29.04
CA TYR B 238 -2.45 -17.61 -28.40
C TYR B 238 -2.11 -18.65 -29.47
N LYS B 239 -2.71 -18.50 -30.65
CA LYS B 239 -2.50 -19.51 -31.71
C LYS B 239 -1.06 -19.52 -32.18
N ALA B 240 -0.45 -18.37 -32.46
CA ALA B 240 0.96 -18.26 -32.90
C ALA B 240 1.91 -18.87 -31.85
N LEU B 241 1.68 -18.61 -30.54
CA LEU B 241 2.57 -19.17 -29.54
C LEU B 241 2.45 -20.70 -29.53
N ALA B 242 1.26 -21.29 -29.65
CA ALA B 242 1.06 -22.77 -29.69
C ALA B 242 1.71 -23.35 -30.96
N GLN B 243 1.56 -22.63 -32.07
CA GLN B 243 2.09 -23.06 -33.40
C GLN B 243 3.61 -23.11 -33.30
N ASN B 244 4.23 -22.31 -32.42
CA ASN B 244 5.69 -22.18 -32.42
C ASN B 244 6.22 -22.92 -31.22
N GLY B 245 5.41 -23.80 -30.68
CA GLY B 245 5.82 -24.86 -29.74
C GLY B 245 5.35 -24.73 -28.31
N ALA B 246 4.55 -23.73 -27.91
CA ALA B 246 4.15 -23.70 -26.49
C ALA B 246 3.42 -24.99 -26.10
N LYS B 247 3.80 -25.65 -25.01
CA LYS B 247 3.09 -26.82 -24.40
C LYS B 247 2.02 -26.37 -23.41
N ALA B 248 2.17 -25.13 -22.91
CA ALA B 248 1.22 -24.48 -21.99
C ALA B 248 1.16 -22.97 -22.35
N LEU B 249 -0.04 -22.43 -22.27
CA LEU B 249 -0.26 -20.96 -22.43
C LEU B 249 -0.75 -20.40 -21.09
N ILE B 250 0.00 -19.44 -20.59
CA ILE B 250 -0.44 -18.61 -19.46
C ILE B 250 -1.24 -17.47 -20.06
N HIS B 251 -2.52 -17.43 -19.73
CA HIS B 251 -3.49 -16.35 -20.08
C HIS B 251 -3.39 -15.26 -18.98
N ALA B 252 -2.88 -14.09 -19.32
CA ALA B 252 -2.82 -12.89 -18.42
C ALA B 252 -4.13 -12.13 -18.65
N GLY B 253 -5.18 -12.65 -18.08
CA GLY B 253 -6.56 -12.12 -18.18
C GLY B 253 -6.76 -10.76 -17.53
N THR B 254 -7.83 -10.08 -17.98
CA THR B 254 -8.47 -9.03 -17.20
C THR B 254 -9.13 -9.69 -16.00
N GLY B 255 -9.27 -8.92 -14.93
CA GLY B 255 -10.09 -9.30 -13.78
C GLY B 255 -9.76 -10.64 -13.24
N ASN B 256 -10.76 -11.47 -12.92
CA ASN B 256 -10.54 -12.79 -12.29
C ASN B 256 -10.11 -13.80 -13.40
N GLY B 257 -8.98 -13.56 -14.10
CA GLY B 257 -8.49 -14.37 -15.22
C GLY B 257 -9.56 -14.55 -16.33
N SER B 258 -10.41 -13.55 -16.53
CA SER B 258 -11.54 -13.56 -17.51
C SER B 258 -11.00 -13.78 -18.92
N VAL B 259 -11.80 -14.42 -19.79
CA VAL B 259 -11.40 -14.72 -21.19
C VAL B 259 -12.50 -14.20 -22.14
N SER B 260 -12.06 -13.42 -23.10
CA SER B 260 -12.88 -12.77 -24.13
C SER B 260 -13.66 -13.86 -24.84
N SER B 261 -14.93 -13.64 -25.15
CA SER B 261 -15.71 -14.62 -25.97
C SER B 261 -15.00 -14.83 -27.30
N ARG B 262 -14.17 -13.89 -27.75
CA ARG B 262 -13.45 -14.04 -29.05
C ARG B 262 -12.27 -14.98 -28.92
N VAL B 263 -11.88 -15.34 -27.69
CA VAL B 263 -10.64 -16.11 -27.47
C VAL B 263 -10.99 -17.52 -26.99
N VAL B 264 -12.14 -17.72 -26.36
CA VAL B 264 -12.52 -19.00 -25.71
C VAL B 264 -12.46 -20.11 -26.77
N PRO B 265 -13.00 -19.92 -27.99
CA PRO B 265 -13.07 -21.03 -28.95
C PRO B 265 -11.66 -21.56 -29.23
N ALA B 266 -10.72 -20.66 -29.54
CA ALA B 266 -9.32 -21.01 -29.83
C ALA B 266 -8.77 -21.76 -28.63
N LEU B 267 -9.06 -21.35 -27.39
CA LEU B 267 -8.38 -21.99 -26.23
C LEU B 267 -8.95 -23.40 -26.09
N GLN B 268 -10.24 -23.58 -26.38
CA GLN B 268 -10.87 -24.94 -26.34
C GLN B 268 -10.13 -25.84 -27.35
N GLU B 269 -9.84 -25.30 -28.52
CA GLU B 269 -9.21 -26.13 -29.58
C GLU B 269 -7.77 -26.40 -29.16
N LEU B 270 -7.11 -25.42 -28.53
CA LEU B 270 -5.68 -25.67 -28.19
C LEU B 270 -5.64 -26.71 -27.11
N ARG B 271 -6.60 -26.69 -26.18
CA ARG B 271 -6.62 -27.65 -25.08
C ARG B 271 -6.91 -29.03 -25.68
N LYS B 272 -7.92 -29.10 -26.57
CA LYS B 272 -8.32 -30.35 -27.27
C LYS B 272 -7.08 -30.93 -27.93
N ASN B 273 -6.16 -30.11 -28.47
CA ASN B 273 -4.87 -30.50 -29.11
C ASN B 273 -3.70 -30.64 -28.14
N GLY B 274 -3.89 -30.72 -26.81
CA GLY B 274 -2.80 -31.05 -25.89
C GLY B 274 -2.13 -29.83 -25.24
N VAL B 275 -2.56 -28.60 -25.54
CA VAL B 275 -1.85 -27.39 -24.98
C VAL B 275 -2.56 -27.06 -23.66
N GLN B 276 -1.86 -27.08 -22.52
CA GLN B 276 -2.49 -26.67 -21.24
C GLN B 276 -2.78 -25.17 -21.26
N ILE B 277 -3.89 -24.83 -20.66
CA ILE B 277 -4.48 -23.47 -20.62
C ILE B 277 -4.54 -23.09 -19.13
N ILE B 278 -3.70 -22.13 -18.77
CA ILE B 278 -3.65 -21.67 -17.36
C ILE B 278 -4.09 -20.20 -17.28
N ARG B 279 -5.12 -19.93 -16.50
CA ARG B 279 -5.70 -18.58 -16.32
C ARG B 279 -4.97 -17.90 -15.10
N SER B 280 -4.15 -16.95 -15.46
CA SER B 280 -3.57 -15.92 -14.52
C SER B 280 -4.29 -14.58 -14.80
N SER B 281 -3.74 -13.43 -14.38
CA SER B 281 -4.41 -12.14 -14.58
C SER B 281 -3.31 -11.07 -14.57
N HIS B 282 -3.67 -9.89 -14.99
CA HIS B 282 -2.84 -8.69 -14.75
C HIS B 282 -3.43 -7.90 -13.60
N VAL B 283 -4.01 -8.55 -12.65
CA VAL B 283 -4.54 -7.89 -11.42
C VAL B 283 -3.67 -8.43 -10.28
N ASN B 284 -2.57 -7.75 -10.05
CA ASN B 284 -1.38 -8.35 -9.38
C ASN B 284 -1.16 -7.81 -7.95
N GLN B 285 -1.94 -6.86 -7.42
CA GLN B 285 -1.65 -6.32 -6.07
CA GLN B 285 -1.65 -6.31 -6.08
C GLN B 285 -2.30 -7.18 -4.98
N GLY B 286 -3.31 -7.97 -5.29
CA GLY B 286 -3.93 -8.84 -4.28
C GLY B 286 -5.01 -9.75 -4.87
N GLY B 287 -5.63 -10.55 -4.01
CA GLY B 287 -6.58 -11.62 -4.39
C GLY B 287 -5.94 -12.72 -5.19
N PHE B 288 -6.78 -13.49 -5.91
CA PHE B 288 -6.32 -14.61 -6.75
C PHE B 288 -7.47 -14.99 -7.71
N VAL B 289 -7.17 -15.86 -8.64
CA VAL B 289 -8.07 -16.30 -9.73
C VAL B 289 -8.72 -17.58 -9.22
N LEU B 290 -10.03 -17.50 -9.17
CA LEU B 290 -10.91 -18.52 -8.57
C LEU B 290 -11.39 -19.53 -9.63
N ARG B 291 -11.20 -20.82 -9.36
CA ARG B 291 -11.60 -21.89 -10.30
C ARG B 291 -13.11 -21.88 -10.49
N ASN B 292 -13.49 -21.97 -11.79
CA ASN B 292 -14.89 -22.08 -12.29
C ASN B 292 -15.67 -20.76 -12.11
N ALA B 293 -15.06 -19.67 -11.65
CA ALA B 293 -15.80 -18.42 -11.41
C ALA B 293 -15.98 -17.71 -12.76
N GLU B 294 -14.93 -17.32 -13.44
CA GLU B 294 -15.03 -16.58 -14.74
C GLU B 294 -15.17 -17.49 -15.98
N GLN B 295 -14.72 -18.72 -15.89
CA GLN B 295 -14.71 -19.73 -16.96
C GLN B 295 -14.99 -21.09 -16.35
N PRO B 296 -15.71 -21.96 -17.10
CA PRO B 296 -15.96 -23.33 -16.67
C PRO B 296 -14.72 -24.18 -16.92
N ASP B 297 -13.80 -24.08 -15.95
CA ASP B 297 -12.50 -24.77 -15.97
C ASP B 297 -12.70 -26.29 -15.92
N ASP B 298 -13.64 -26.79 -15.12
CA ASP B 298 -13.91 -28.25 -15.02
C ASP B 298 -14.34 -28.75 -16.40
N LYS B 299 -15.34 -28.14 -17.01
CA LYS B 299 -15.81 -28.55 -18.36
C LYS B 299 -14.68 -28.42 -19.38
N ASN B 300 -13.86 -27.36 -19.30
CA ASN B 300 -12.83 -27.07 -20.35
C ASN B 300 -11.52 -27.84 -20.09
N ASP B 301 -11.38 -28.43 -18.92
CA ASP B 301 -10.09 -29.02 -18.50
C ASP B 301 -8.96 -27.95 -18.52
N TRP B 302 -9.23 -26.79 -17.92
CA TRP B 302 -8.23 -25.69 -17.81
C TRP B 302 -7.72 -25.64 -16.36
N VAL B 303 -6.77 -24.74 -16.11
CA VAL B 303 -6.16 -24.60 -14.76
C VAL B 303 -6.16 -23.11 -14.40
N VAL B 304 -6.40 -22.82 -13.14
CA VAL B 304 -6.27 -21.42 -12.64
C VAL B 304 -4.92 -21.28 -11.92
N ALA B 305 -4.31 -20.10 -12.08
CA ALA B 305 -2.97 -19.87 -11.53
C ALA B 305 -3.06 -19.37 -10.08
N HIS B 306 -4.22 -19.37 -9.43
CA HIS B 306 -4.39 -18.95 -8.02
C HIS B 306 -3.90 -17.49 -7.92
N ASP B 307 -2.91 -17.17 -7.08
CA ASP B 307 -2.47 -15.78 -6.85
C ASP B 307 -1.26 -15.46 -7.72
N LEU B 308 -0.77 -16.43 -8.46
CA LEU B 308 0.49 -16.22 -9.16
C LEU B 308 0.30 -15.35 -10.38
N ASN B 309 1.17 -14.36 -10.53
CA ASN B 309 1.15 -13.44 -11.69
C ASN B 309 1.55 -14.25 -12.92
N PRO B 310 1.45 -13.70 -14.13
CA PRO B 310 1.66 -14.52 -15.35
C PRO B 310 3.06 -15.15 -15.47
N GLN B 311 4.08 -14.36 -15.20
CA GLN B 311 5.50 -14.80 -15.25
C GLN B 311 5.78 -15.82 -14.19
N LYS B 312 5.24 -15.68 -13.00
CA LYS B 312 5.47 -16.71 -11.97
C LYS B 312 4.74 -17.99 -12.40
N ALA B 313 3.51 -17.86 -12.91
CA ALA B 313 2.70 -19.04 -13.31
C ALA B 313 3.44 -19.79 -14.40
N ARG B 314 4.08 -19.09 -15.32
CA ARG B 314 4.88 -19.75 -16.38
C ARG B 314 5.98 -20.60 -15.75
N ILE B 315 6.74 -20.06 -14.76
CA ILE B 315 7.79 -20.86 -14.09
C ILE B 315 7.17 -22.12 -13.49
N LEU B 316 6.09 -22.00 -12.71
CA LEU B 316 5.52 -23.15 -12.00
C LEU B 316 5.06 -24.14 -13.08
N ALA B 317 4.39 -23.65 -14.12
CA ALA B 317 3.85 -24.54 -15.21
C ALA B 317 5.02 -25.36 -15.83
N MET B 318 6.05 -24.68 -16.23
CA MET B 318 7.28 -25.27 -16.80
C MET B 318 7.81 -26.40 -15.93
N VAL B 319 8.09 -26.10 -14.68
CA VAL B 319 8.62 -27.07 -13.70
C VAL B 319 7.61 -28.24 -13.52
N ALA B 320 6.34 -27.94 -13.33
CA ALA B 320 5.29 -28.96 -13.09
C ALA B 320 5.23 -29.93 -14.29
N MET B 321 5.43 -29.42 -15.51
CA MET B 321 5.20 -30.26 -16.73
C MET B 321 6.46 -31.09 -17.01
N THR B 322 7.53 -30.93 -16.26
CA THR B 322 8.64 -31.90 -16.27
C THR B 322 8.14 -33.19 -15.63
N LYS B 323 7.05 -33.16 -14.88
CA LYS B 323 6.58 -34.34 -14.08
C LYS B 323 5.23 -34.85 -14.57
N THR B 324 4.27 -33.99 -14.92
CA THR B 324 2.85 -34.39 -15.17
C THR B 324 2.32 -33.60 -16.37
N GLN B 325 1.40 -34.20 -17.13
CA GLN B 325 0.62 -33.48 -18.16
C GLN B 325 -0.86 -33.56 -17.82
N ASP B 326 -1.12 -34.02 -16.62
CA ASP B 326 -2.47 -34.20 -16.10
C ASP B 326 -2.94 -32.84 -15.54
N SER B 327 -3.96 -32.24 -16.14
CA SER B 327 -4.51 -30.93 -15.71
C SER B 327 -4.99 -30.93 -14.24
N LYS B 328 -5.56 -32.01 -13.69
CA LYS B 328 -5.96 -32.00 -12.26
C LYS B 328 -4.72 -32.04 -11.34
N GLU B 329 -3.63 -32.67 -11.74
CA GLU B 329 -2.38 -32.65 -10.96
C GLU B 329 -1.76 -31.23 -11.06
N LEU B 330 -1.80 -30.65 -12.26
CA LEU B 330 -1.33 -29.27 -12.49
C LEU B 330 -2.09 -28.33 -11.57
N GLN B 331 -3.41 -28.49 -11.43
CA GLN B 331 -4.21 -27.57 -10.58
C GLN B 331 -3.83 -27.80 -9.13
N ARG B 332 -3.64 -29.04 -8.73
CA ARG B 332 -3.23 -29.31 -7.32
C ARG B 332 -1.91 -28.57 -7.10
N ILE B 333 -1.02 -28.58 -8.07
CA ILE B 333 0.32 -27.95 -7.91
C ILE B 333 0.18 -26.42 -7.72
N PHE B 334 -0.67 -25.83 -8.51
CA PHE B 334 -0.97 -24.37 -8.48
C PHE B 334 -1.60 -24.00 -7.16
N TRP B 335 -2.18 -24.93 -6.45
CA TRP B 335 -2.83 -24.71 -5.15
C TRP B 335 -1.86 -24.98 -4.00
N GLU B 336 -0.73 -25.63 -4.24
CA GLU B 336 0.16 -26.02 -3.10
C GLU B 336 1.48 -25.26 -3.15
N TYR B 337 1.91 -24.73 -4.29
CA TYR B 337 3.20 -24.02 -4.39
C TYR B 337 3.03 -22.50 -4.59
N LYS C 8 -21.01 -33.80 12.29
CA LYS C 8 -21.10 -33.30 10.89
C LYS C 8 -20.63 -31.83 10.83
N LEU C 9 -21.46 -30.84 11.28
CA LEU C 9 -21.11 -29.38 11.25
C LEU C 9 -20.37 -28.99 12.53
N ALA C 10 -19.47 -28.00 12.43
CA ALA C 10 -18.71 -27.50 13.59
C ALA C 10 -19.68 -26.74 14.48
N ASN C 11 -19.43 -26.76 15.79
CA ASN C 11 -20.21 -26.05 16.82
C ASN C 11 -19.42 -24.77 17.07
N VAL C 12 -19.98 -23.65 16.68
CA VAL C 12 -19.35 -22.33 16.87
C VAL C 12 -20.24 -21.56 17.78
N VAL C 13 -19.64 -20.87 18.71
CA VAL C 13 -20.35 -19.95 19.59
C VAL C 13 -19.97 -18.54 19.14
N ILE C 14 -20.93 -17.66 19.02
CA ILE C 14 -20.77 -16.21 18.74
C ILE C 14 -20.96 -15.47 20.04
N LEU C 15 -19.89 -14.82 20.55
CA LEU C 15 -19.90 -13.91 21.68
C LEU C 15 -19.98 -12.46 21.20
N ALA C 16 -21.08 -11.79 21.52
CA ALA C 16 -21.36 -10.39 21.09
C ALA C 16 -20.94 -9.42 22.17
N THR C 17 -20.26 -8.32 21.82
CA THR C 17 -19.79 -7.30 22.77
C THR C 17 -20.36 -5.92 22.43
N GLY C 18 -21.06 -5.78 21.29
CA GLY C 18 -21.45 -4.49 20.70
C GLY C 18 -20.83 -4.19 19.33
N GLY C 19 -20.76 -2.89 19.03
CA GLY C 19 -20.21 -2.30 17.81
C GLY C 19 -21.28 -2.09 16.73
N THR C 20 -20.89 -1.38 15.65
CA THR C 20 -21.73 -1.11 14.43
C THR C 20 -22.29 -2.41 13.82
N ILE C 21 -21.56 -3.52 13.91
CA ILE C 21 -22.09 -4.83 13.38
C ILE C 21 -23.45 -5.18 14.05
N ALA C 22 -23.72 -4.73 15.29
CA ALA C 22 -25.00 -4.91 16.02
C ALA C 22 -25.80 -3.58 16.10
N GLY C 23 -25.47 -2.55 15.28
CA GLY C 23 -25.93 -1.15 15.40
C GLY C 23 -26.98 -0.78 14.35
N GLY C 40 -28.73 -7.09 19.60
CA GLY C 40 -29.28 -8.36 20.14
C GLY C 40 -28.74 -9.60 19.43
N VAL C 41 -27.93 -10.41 20.12
CA VAL C 41 -27.09 -11.42 19.43
C VAL C 41 -28.01 -12.36 18.65
N ASP C 42 -29.23 -12.59 19.12
CA ASP C 42 -30.20 -13.54 18.50
C ASP C 42 -30.63 -12.97 17.13
N LYS C 43 -30.73 -11.65 17.00
CA LYS C 43 -31.14 -11.00 15.74
C LYS C 43 -29.92 -10.90 14.82
N LEU C 44 -28.71 -10.62 15.35
CA LEU C 44 -27.46 -10.74 14.55
C LEU C 44 -27.44 -12.08 13.84
N ILE C 45 -27.73 -13.17 14.57
CA ILE C 45 -27.70 -14.56 14.03
C ILE C 45 -28.87 -14.82 13.06
N ALA C 46 -30.10 -14.43 13.42
CA ALA C 46 -31.27 -14.53 12.51
C ALA C 46 -30.96 -13.78 11.20
N GLY C 47 -30.24 -12.65 11.27
CA GLY C 47 -29.92 -11.79 10.11
C GLY C 47 -28.96 -12.45 9.13
N VAL C 48 -28.39 -13.63 9.43
CA VAL C 48 -27.54 -14.40 8.48
C VAL C 48 -28.02 -15.86 8.45
N PRO C 49 -29.16 -16.12 7.77
CA PRO C 49 -29.69 -17.49 7.65
C PRO C 49 -28.70 -18.56 7.15
N GLU C 50 -27.79 -18.15 6.27
CA GLU C 50 -26.80 -19.05 5.62
C GLU C 50 -25.85 -19.61 6.69
N LEU C 51 -25.78 -19.03 7.90
CA LEU C 51 -24.86 -19.59 8.92
C LEU C 51 -25.18 -21.06 9.13
N ALA C 52 -26.46 -21.46 9.04
CA ALA C 52 -26.91 -22.84 9.30
C ALA C 52 -26.27 -23.78 8.28
N ASP C 53 -25.98 -23.35 7.05
CA ASP C 53 -25.34 -24.25 6.04
C ASP C 53 -23.95 -24.65 6.55
N ILE C 54 -23.27 -23.78 7.31
CA ILE C 54 -21.80 -23.98 7.49
C ILE C 54 -21.46 -24.41 8.91
N ALA C 55 -22.31 -24.13 9.88
CA ALA C 55 -21.99 -24.49 11.27
C ALA C 55 -23.25 -24.65 12.09
N ASN C 56 -23.11 -25.31 13.24
CA ASN C 56 -24.07 -25.22 14.37
C ASN C 56 -23.67 -24.04 15.25
N VAL C 57 -24.47 -23.00 15.25
CA VAL C 57 -24.10 -21.70 15.86
C VAL C 57 -25.01 -21.41 17.07
N ARG C 58 -24.49 -20.95 18.21
CA ARG C 58 -25.32 -20.23 19.20
C ARG C 58 -24.61 -18.97 19.67
N GLY C 59 -25.42 -18.05 20.17
CA GLY C 59 -25.04 -16.71 20.60
C GLY C 59 -25.15 -16.46 22.09
N GLU C 60 -24.23 -15.68 22.63
CA GLU C 60 -24.31 -15.09 23.97
C GLU C 60 -24.00 -13.61 23.82
N GLN C 61 -24.75 -12.77 24.51
CA GLN C 61 -24.37 -11.36 24.75
C GLN C 61 -23.46 -11.32 25.97
N VAL C 62 -22.16 -11.19 25.77
CA VAL C 62 -21.23 -11.01 26.90
C VAL C 62 -21.39 -9.59 27.44
N MET C 63 -21.64 -8.62 26.56
CA MET C 63 -21.74 -7.19 26.96
C MET C 63 -22.31 -6.44 25.78
N GLN C 64 -22.61 -5.18 25.96
CA GLN C 64 -23.17 -4.35 24.86
C GLN C 64 -22.54 -2.97 24.99
N ILE C 65 -21.48 -2.70 24.24
CA ILE C 65 -20.73 -1.45 24.46
C ILE C 65 -20.32 -0.91 23.11
N ALA C 66 -19.93 0.34 23.20
CA ALA C 66 -19.15 1.03 22.18
C ALA C 66 -17.69 0.73 22.51
N SER C 67 -16.95 0.17 21.56
CA SER C 67 -15.62 -0.42 21.90
C SER C 67 -14.67 0.70 22.26
N GLU C 68 -14.90 1.96 21.89
CA GLU C 68 -14.00 3.04 22.28
C GLU C 68 -14.05 3.24 23.81
N SER C 69 -15.04 2.67 24.45
CA SER C 69 -15.33 2.85 25.87
C SER C 69 -14.99 1.57 26.63
N ILE C 70 -14.30 0.64 26.00
CA ILE C 70 -14.03 -0.68 26.64
C ILE C 70 -13.12 -0.45 27.84
N SER C 71 -13.30 -1.27 28.87
CA SER C 71 -12.43 -1.22 30.08
C SER C 71 -11.60 -2.50 30.20
N ASN C 72 -10.61 -2.48 31.09
CA ASN C 72 -9.79 -3.67 31.46
C ASN C 72 -10.70 -4.70 32.13
N ASP C 73 -11.71 -4.30 32.90
CA ASP C 73 -12.68 -5.28 33.45
C ASP C 73 -13.49 -5.98 32.35
N ASP C 74 -13.80 -5.29 31.25
CA ASP C 74 -14.52 -5.89 30.10
C ASP C 74 -13.59 -6.92 29.43
N LEU C 75 -12.31 -6.59 29.27
CA LEU C 75 -11.36 -7.49 28.57
C LEU C 75 -11.27 -8.81 29.35
N LEU C 76 -11.04 -8.65 30.63
CA LEU C 76 -10.90 -9.82 31.53
C LEU C 76 -12.15 -10.68 31.49
N LYS C 77 -13.32 -10.07 31.59
CA LYS C 77 -14.62 -10.79 31.54
C LYS C 77 -14.71 -11.56 30.22
N LEU C 78 -14.49 -10.85 29.11
CA LEU C 78 -14.45 -11.55 27.81
C LEU C 78 -13.39 -12.63 27.84
N GLY C 79 -12.15 -12.33 28.23
CA GLY C 79 -11.09 -13.33 28.13
C GLY C 79 -11.48 -14.61 28.88
N LYS C 80 -12.18 -14.43 29.99
CA LYS C 80 -12.50 -15.55 30.92
C LYS C 80 -13.64 -16.37 30.34
N ARG C 81 -14.67 -15.73 29.77
CA ARG C 81 -15.71 -16.42 28.97
C ARG C 81 -15.13 -17.22 27.83
N VAL C 82 -14.18 -16.64 27.07
CA VAL C 82 -13.60 -17.37 25.91
C VAL C 82 -12.94 -18.66 26.44
N ALA C 83 -12.20 -18.55 27.51
CA ALA C 83 -11.42 -19.68 28.04
C ALA C 83 -12.36 -20.79 28.48
N GLU C 84 -13.48 -20.43 29.11
CA GLU C 84 -14.52 -21.42 29.50
C GLU C 84 -15.01 -22.17 28.25
N LEU C 85 -15.23 -21.46 27.14
CA LEU C 85 -15.79 -22.10 25.92
C LEU C 85 -14.72 -22.95 25.24
N ALA C 86 -13.49 -22.48 25.20
CA ALA C 86 -12.36 -23.19 24.62
C ALA C 86 -12.20 -24.53 25.35
N GLU C 87 -12.45 -24.55 26.65
CA GLU C 87 -12.31 -25.77 27.51
C GLU C 87 -13.50 -26.72 27.30
N SER C 88 -14.65 -26.28 26.76
CA SER C 88 -15.87 -27.10 26.46
C SER C 88 -15.67 -28.05 25.24
N LYS C 89 -16.04 -29.32 25.40
CA LYS C 89 -15.87 -30.28 24.27
C LYS C 89 -16.97 -30.03 23.24
N ASP C 90 -17.99 -29.30 23.63
CA ASP C 90 -19.16 -28.94 22.76
C ASP C 90 -18.90 -27.68 21.92
N VAL C 91 -17.66 -27.16 21.91
CA VAL C 91 -17.27 -25.90 21.20
C VAL C 91 -16.10 -26.21 20.29
N ASP C 92 -16.25 -26.01 18.99
CA ASP C 92 -15.17 -26.31 18.02
C ASP C 92 -14.45 -24.98 17.73
N GLY C 93 -15.18 -23.88 17.67
CA GLY C 93 -14.56 -22.54 17.48
C GLY C 93 -15.41 -21.43 18.01
N ILE C 94 -14.80 -20.26 18.18
CA ILE C 94 -15.42 -19.09 18.82
C ILE C 94 -15.30 -17.86 17.90
N VAL C 95 -16.42 -17.16 17.69
CA VAL C 95 -16.45 -15.84 17.00
C VAL C 95 -16.76 -14.77 18.02
N ILE C 96 -15.99 -13.66 18.07
CA ILE C 96 -16.36 -12.49 18.88
C ILE C 96 -16.75 -11.37 17.95
N THR C 97 -17.94 -10.81 18.13
CA THR C 97 -18.38 -9.66 17.32
C THR C 97 -18.04 -8.43 18.17
N HIS C 98 -17.54 -7.35 17.55
CA HIS C 98 -16.85 -6.26 18.30
C HIS C 98 -16.86 -4.97 17.51
N GLY C 99 -16.97 -3.86 18.20
CA GLY C 99 -16.77 -2.55 17.56
C GLY C 99 -15.38 -2.48 16.95
N THR C 100 -15.25 -1.74 15.83
CA THR C 100 -13.94 -1.60 15.14
C THR C 100 -12.90 -0.87 16.00
N ASP C 101 -13.27 0.17 16.76
CA ASP C 101 -12.34 1.13 17.35
C ASP C 101 -11.25 0.41 18.15
N THR C 102 -11.59 -0.53 19.02
CA THR C 102 -10.54 -1.23 19.80
C THR C 102 -10.49 -2.69 19.46
N LEU C 103 -11.12 -3.12 18.38
CA LEU C 103 -11.08 -4.54 17.96
C LEU C 103 -9.63 -5.07 18.02
N GLU C 104 -8.66 -4.27 17.54
CA GLU C 104 -7.26 -4.71 17.37
C GLU C 104 -6.64 -4.97 18.75
N GLU C 105 -7.10 -4.24 19.73
CA GLU C 105 -6.58 -4.40 21.12
C GLU C 105 -7.12 -5.73 21.68
N THR C 106 -8.43 -5.97 21.58
CA THR C 106 -9.05 -7.22 22.05
C THR C 106 -8.41 -8.40 21.37
N ALA C 107 -8.20 -8.34 20.06
CA ALA C 107 -7.70 -9.48 19.31
C ALA C 107 -6.31 -9.86 19.81
N PHE C 108 -5.49 -8.87 20.09
CA PHE C 108 -4.09 -9.06 20.53
C PHE C 108 -4.14 -9.64 21.95
N PHE C 109 -5.01 -9.06 22.77
CA PHE C 109 -5.15 -9.55 24.18
C PHE C 109 -5.46 -11.05 24.17
N LEU C 110 -6.48 -11.47 23.42
CA LEU C 110 -6.87 -12.89 23.35
C LEU C 110 -5.74 -13.74 22.81
N ASN C 111 -4.98 -13.25 21.83
CA ASN C 111 -3.87 -13.97 21.22
C ASN C 111 -2.79 -14.29 22.26
N LEU C 112 -2.77 -13.49 23.31
CA LEU C 112 -1.70 -13.60 24.30
C LEU C 112 -2.18 -14.52 25.43
N VAL C 113 -3.46 -14.56 25.76
CA VAL C 113 -3.88 -15.15 27.07
C VAL C 113 -4.72 -16.42 26.93
N GLU C 114 -5.15 -16.76 25.71
CA GLU C 114 -5.95 -17.96 25.47
C GLU C 114 -5.07 -19.11 25.01
N LYS C 115 -4.89 -20.11 25.89
CA LYS C 115 -3.97 -21.24 25.65
C LYS C 115 -4.77 -22.39 25.04
N THR C 116 -5.25 -22.21 23.83
CA THR C 116 -6.14 -23.13 23.11
C THR C 116 -5.71 -23.14 21.66
N ASP C 117 -5.80 -24.29 21.01
CA ASP C 117 -5.56 -24.41 19.57
C ASP C 117 -6.90 -24.16 18.84
N LYS C 118 -8.03 -24.07 19.53
CA LYS C 118 -9.36 -23.87 18.88
C LYS C 118 -9.37 -22.51 18.22
N PRO C 119 -9.99 -22.39 17.03
CA PRO C 119 -10.07 -21.08 16.37
C PRO C 119 -10.80 -20.10 17.27
N ILE C 120 -10.24 -18.89 17.37
CA ILE C 120 -10.89 -17.67 17.88
C ILE C 120 -10.80 -16.62 16.76
N VAL C 121 -11.96 -16.12 16.37
CA VAL C 121 -12.08 -15.11 15.31
C VAL C 121 -12.74 -13.89 15.88
N VAL C 122 -12.18 -12.72 15.64
CA VAL C 122 -12.76 -11.43 16.05
C VAL C 122 -13.23 -10.71 14.78
N VAL C 123 -14.43 -10.15 14.80
CA VAL C 123 -15.01 -9.54 13.57
C VAL C 123 -15.84 -8.33 13.93
N GLY C 124 -15.85 -7.32 13.06
CA GLY C 124 -16.73 -6.17 13.19
C GLY C 124 -17.24 -5.74 11.82
N SER C 125 -17.83 -4.56 11.77
CA SER C 125 -18.25 -3.95 10.47
C SER C 125 -18.06 -2.45 10.47
N MET C 126 -17.84 -1.88 9.28
CA MET C 126 -17.73 -0.41 9.05
C MET C 126 -19.12 0.21 8.81
N ARG C 127 -20.13 -0.57 8.48
CA ARG C 127 -21.51 0.01 8.30
C ARG C 127 -22.50 -0.81 9.13
N PRO C 128 -23.61 -0.20 9.67
CA PRO C 128 -24.67 -0.97 10.33
C PRO C 128 -25.43 -1.82 9.32
N GLY C 129 -26.11 -2.87 9.78
CA GLY C 129 -26.77 -3.85 8.91
C GLY C 129 -27.84 -3.21 8.02
N THR C 130 -28.37 -2.07 8.45
CA THR C 130 -29.48 -1.38 7.77
C THR C 130 -28.93 -0.48 6.66
N ALA C 131 -27.61 -0.23 6.62
CA ALA C 131 -26.98 0.68 5.63
C ALA C 131 -26.93 0.02 4.24
N MET C 132 -26.95 0.83 3.17
CA MET C 132 -26.77 0.32 1.80
C MET C 132 -25.41 -0.41 1.80
N SER C 133 -25.36 -1.59 1.18
CA SER C 133 -24.10 -2.34 0.92
C SER C 133 -23.36 -2.56 2.27
N ALA C 134 -24.14 -2.87 3.30
CA ALA C 134 -23.58 -3.13 4.66
C ALA C 134 -22.62 -4.34 4.60
N ASP C 135 -21.48 -4.26 5.31
CA ASP C 135 -20.38 -5.26 5.22
C ASP C 135 -20.48 -6.39 6.25
N GLY C 136 -21.29 -6.19 7.30
CA GLY C 136 -21.36 -7.07 8.49
C GLY C 136 -21.89 -8.47 8.21
N MET C 137 -22.75 -8.68 7.22
CA MET C 137 -23.35 -10.01 7.03
C MET C 137 -22.29 -10.97 6.48
N LEU C 138 -21.55 -10.53 5.47
CA LEU C 138 -20.53 -11.41 4.89
C LEU C 138 -19.38 -11.55 5.90
N ASN C 139 -19.04 -10.48 6.60
CA ASN C 139 -17.94 -10.52 7.60
C ASN C 139 -18.33 -11.62 8.63
N LEU C 140 -19.54 -11.58 9.14
CA LEU C 140 -20.02 -12.59 10.12
C LEU C 140 -20.04 -14.00 9.54
N TYR C 141 -20.50 -14.20 8.30
CA TYR C 141 -20.48 -15.52 7.66
C TYR C 141 -19.03 -16.01 7.57
N ASN C 142 -18.12 -15.15 7.10
CA ASN C 142 -16.71 -15.49 6.92
C ASN C 142 -16.08 -15.77 8.27
N ALA C 143 -16.41 -15.06 9.34
CA ALA C 143 -15.83 -15.36 10.67
C ALA C 143 -16.27 -16.74 11.14
N VAL C 144 -17.55 -17.06 10.99
CA VAL C 144 -18.02 -18.43 11.37
C VAL C 144 -17.35 -19.49 10.47
N ALA C 145 -17.20 -19.29 9.16
CA ALA C 145 -16.55 -20.25 8.27
C ALA C 145 -15.12 -20.51 8.75
N VAL C 146 -14.41 -19.43 9.07
CA VAL C 146 -13.01 -19.53 9.56
C VAL C 146 -12.98 -20.20 10.92
N ALA C 147 -13.90 -19.88 11.79
CA ALA C 147 -13.90 -20.53 13.11
C ALA C 147 -14.24 -22.02 13.02
N SER C 148 -14.86 -22.47 11.93
CA SER C 148 -15.33 -23.85 11.80
C SER C 148 -14.32 -24.65 10.94
N ASP C 149 -13.28 -24.02 10.43
CA ASP C 149 -12.31 -24.67 9.53
C ASP C 149 -11.13 -25.27 10.33
N LYS C 150 -10.81 -26.53 10.09
CA LYS C 150 -9.59 -27.25 10.58
C LYS C 150 -8.32 -26.42 10.33
N GLN C 151 -8.23 -25.77 9.17
CA GLN C 151 -6.98 -25.03 8.82
C GLN C 151 -6.77 -23.91 9.85
N SER C 152 -7.82 -23.41 10.52
CA SER C 152 -7.68 -22.31 11.52
C SER C 152 -7.01 -22.77 12.83
N ARG C 153 -6.88 -24.06 13.05
CA ARG C 153 -6.41 -24.53 14.37
C ARG C 153 -4.95 -24.18 14.51
N GLY C 154 -4.57 -23.67 15.70
CA GLY C 154 -3.15 -23.47 15.99
C GLY C 154 -2.61 -22.18 15.36
N LYS C 155 -3.51 -21.39 14.77
CA LYS C 155 -3.06 -20.22 14.00
C LYS C 155 -3.03 -18.96 14.88
N GLY C 156 -3.51 -19.02 16.10
CA GLY C 156 -3.69 -17.82 16.93
C GLY C 156 -5.00 -17.11 16.55
N VAL C 157 -5.23 -16.01 17.19
CA VAL C 157 -6.49 -15.28 17.00
C VAL C 157 -6.43 -14.65 15.59
N LEU C 158 -7.57 -14.67 14.94
CA LEU C 158 -7.73 -14.20 13.54
C LEU C 158 -8.80 -13.13 13.51
N VAL C 159 -8.71 -12.22 12.55
CA VAL C 159 -9.73 -11.21 12.25
C VAL C 159 -10.09 -11.38 10.79
N THR C 160 -11.39 -11.44 10.48
CA THR C 160 -11.89 -11.83 9.12
C THR C 160 -12.78 -10.73 8.53
N MET C 161 -12.16 -9.63 8.16
CA MET C 161 -12.94 -8.54 7.51
C MET C 161 -12.44 -8.37 6.06
N ASN C 162 -13.32 -7.93 5.14
CA ASN C 162 -12.84 -7.55 3.78
C ASN C 162 -12.30 -8.81 3.07
N ASP C 163 -12.85 -10.02 3.31
CA ASP C 163 -12.41 -11.29 2.71
C ASP C 163 -10.99 -11.73 3.14
N GLU C 164 -10.37 -11.06 4.11
CA GLU C 164 -8.95 -11.39 4.52
C GLU C 164 -8.96 -12.16 5.83
N ILE C 165 -7.98 -13.02 5.96
CA ILE C 165 -7.63 -13.59 7.28
C ILE C 165 -6.44 -12.80 7.79
N GLN C 166 -6.62 -12.02 8.84
CA GLN C 166 -5.53 -11.18 9.33
C GLN C 166 -5.14 -11.72 10.68
N SER C 167 -3.87 -11.61 11.02
CA SER C 167 -3.40 -11.97 12.37
C SER C 167 -3.91 -11.00 13.41
N GLY C 168 -4.53 -11.51 14.49
CA GLY C 168 -4.94 -10.66 15.61
C GLY C 168 -3.80 -9.98 16.35
N ARG C 169 -2.59 -10.46 16.19
CA ARG C 169 -1.42 -9.75 16.73
C ARG C 169 -1.21 -8.39 16.13
N ASP C 170 -1.09 -8.28 14.79
CA ASP C 170 -0.51 -7.07 14.21
C ASP C 170 -1.48 -6.45 13.16
N VAL C 171 -2.70 -6.94 13.03
CA VAL C 171 -3.73 -6.15 12.30
C VAL C 171 -4.09 -4.90 13.10
N SER C 172 -4.37 -3.80 12.43
CA SER C 172 -4.69 -2.51 13.07
C SER C 172 -5.76 -1.80 12.23
N MET C 173 -6.64 -1.05 12.88
CA MET C 173 -7.58 -0.13 12.15
C MET C 173 -6.71 1.00 11.62
N ALA C 174 -6.45 0.98 10.31
CA ALA C 174 -5.53 1.89 9.65
C ALA C 174 -6.19 2.84 8.62
N VAL C 175 -7.36 2.50 8.16
CA VAL C 175 -8.16 3.33 7.21
C VAL C 175 -9.53 3.63 7.79
N ASN C 176 -9.87 4.88 7.92
CA ASN C 176 -11.22 5.27 8.35
C ASN C 176 -12.24 5.18 7.18
N ILE C 177 -13.48 4.84 7.53
CA ILE C 177 -14.72 4.89 6.68
C ILE C 177 -14.83 3.67 5.78
N LYS C 178 -13.75 3.34 5.08
CA LYS C 178 -13.75 2.25 4.08
C LYS C 178 -13.80 0.86 4.72
N THR C 179 -14.37 -0.11 4.00
CA THR C 179 -14.46 -1.51 4.50
C THR C 179 -13.09 -2.19 4.62
N GLU C 180 -12.11 -1.72 3.88
CA GLU C 180 -10.72 -2.24 4.02
C GLU C 180 -9.95 -1.59 5.19
N ALA C 181 -10.63 -1.27 6.27
CA ALA C 181 -10.08 -0.51 7.40
C ALA C 181 -8.92 -1.23 8.11
N PHE C 182 -8.91 -2.54 8.11
CA PHE C 182 -7.94 -3.35 8.93
C PHE C 182 -6.79 -3.85 8.07
N LYS C 183 -5.55 -3.48 8.41
CA LYS C 183 -4.37 -3.80 7.65
C LYS C 183 -3.26 -4.19 8.62
N SER C 184 -2.36 -5.03 8.15
CA SER C 184 -1.10 -5.37 8.88
C SER C 184 0.05 -4.88 8.02
N ALA C 185 1.12 -4.41 8.65
CA ALA C 185 2.44 -4.15 8.06
C ALA C 185 3.02 -5.43 7.43
N TRP C 186 2.67 -6.61 7.98
CA TRP C 186 3.25 -7.92 7.52
C TRP C 186 2.25 -8.68 6.68
N GLY C 187 1.17 -8.03 6.25
CA GLY C 187 0.29 -8.57 5.21
C GLY C 187 -0.81 -9.40 5.81
N PRO C 188 -1.87 -9.68 5.03
CA PRO C 188 -2.79 -10.73 5.45
C PRO C 188 -2.15 -12.12 5.34
N MET C 189 -2.60 -13.01 6.17
CA MET C 189 -2.10 -14.40 6.21
C MET C 189 -2.89 -15.23 5.19
N GLY C 190 -4.09 -14.77 4.83
CA GLY C 190 -4.89 -15.55 3.89
C GLY C 190 -6.10 -14.76 3.44
N MET C 191 -7.00 -15.44 2.76
CA MET C 191 -8.29 -14.83 2.38
C MET C 191 -9.38 -15.86 2.62
N VAL C 192 -10.61 -15.41 2.82
CA VAL C 192 -11.78 -16.30 2.93
C VAL C 192 -12.81 -15.88 1.85
N VAL C 193 -13.05 -16.78 0.92
CA VAL C 193 -13.95 -16.55 -0.25
C VAL C 193 -14.97 -17.71 -0.34
N GLU C 194 -16.22 -17.37 -0.56
CA GLU C 194 -17.37 -18.34 -0.57
C GLU C 194 -17.19 -19.30 0.60
N GLY C 195 -16.85 -18.78 1.78
CA GLY C 195 -16.68 -19.60 2.99
C GLY C 195 -15.42 -20.45 3.03
N LYS C 196 -14.57 -20.43 2.02
CA LYS C 196 -13.36 -21.29 2.02
C LYS C 196 -12.12 -20.48 2.32
N SER C 197 -11.22 -21.03 3.12
CA SER C 197 -10.00 -20.33 3.59
C SER C 197 -8.85 -20.65 2.67
N TYR C 198 -8.10 -19.65 2.27
CA TYR C 198 -6.90 -19.83 1.43
C TYR C 198 -5.70 -19.22 2.10
N TRP C 199 -4.69 -20.02 2.44
CA TRP C 199 -3.59 -19.58 3.36
C TRP C 199 -2.39 -19.33 2.52
N PHE C 200 -1.66 -18.28 2.86
CA PHE C 200 -0.43 -17.85 2.15
C PHE C 200 0.77 -17.61 3.03
N ARG C 201 0.53 -17.40 4.31
CA ARG C 201 1.56 -17.11 5.37
C ARG C 201 1.14 -17.76 6.65
N LEU C 202 2.12 -17.99 7.56
CA LEU C 202 1.82 -18.47 8.93
C LEU C 202 2.40 -17.48 9.91
N PRO C 203 1.84 -17.39 11.12
CA PRO C 203 2.43 -16.58 12.17
C PRO C 203 3.85 -17.00 12.57
N ALA C 204 4.68 -16.02 12.93
CA ALA C 204 6.07 -16.29 13.34
C ALA C 204 6.21 -15.99 14.84
N LYS C 205 5.38 -15.18 15.42
CA LYS C 205 5.48 -14.75 16.86
C LYS C 205 4.68 -15.69 17.79
N ARG C 206 4.99 -15.70 19.09
CA ARG C 206 4.34 -16.60 20.06
C ARG C 206 2.89 -16.21 20.21
N HIS C 207 2.03 -17.20 20.34
CA HIS C 207 0.60 -16.97 20.52
C HIS C 207 -0.06 -18.18 21.18
N THR C 208 -1.21 -17.90 21.79
CA THR C 208 -2.21 -18.90 22.27
C THR C 208 -1.49 -20.12 22.94
N VAL C 209 -1.53 -21.28 22.32
CA VAL C 209 -1.01 -22.56 22.92
C VAL C 209 0.46 -22.44 23.33
N ASN C 210 1.30 -21.64 22.65
CA ASN C 210 2.74 -21.50 23.00
C ASN C 210 3.01 -20.22 23.82
N SER C 211 1.98 -19.56 24.26
CA SER C 211 2.13 -18.35 25.13
C SER C 211 2.57 -18.78 26.52
N GLU C 212 3.38 -17.95 27.18
CA GLU C 212 3.70 -18.12 28.63
C GLU C 212 2.60 -17.49 29.45
N PHE C 213 1.64 -16.75 28.88
CA PHE C 213 0.57 -16.11 29.65
C PHE C 213 -0.69 -16.94 29.55
N ASP C 214 -1.51 -16.83 30.58
CA ASP C 214 -2.73 -17.68 30.70
C ASP C 214 -3.78 -16.92 31.46
N ILE C 215 -4.93 -16.68 30.81
CA ILE C 215 -6.05 -15.90 31.39
C ILE C 215 -6.52 -16.60 32.69
N LYS C 216 -6.41 -17.93 32.75
CA LYS C 216 -6.81 -18.72 33.97
C LYS C 216 -6.11 -18.13 35.22
N GLN C 217 -4.85 -17.67 35.09
CA GLN C 217 -4.04 -17.21 36.24
C GLN C 217 -3.98 -15.69 36.34
N ILE C 218 -4.80 -14.98 35.59
CA ILE C 218 -4.80 -13.50 35.58
C ILE C 218 -6.11 -13.08 36.21
N SER C 219 -6.05 -12.40 37.35
CA SER C 219 -7.27 -11.96 38.06
C SER C 219 -7.38 -10.44 37.99
N SER C 220 -6.29 -9.73 37.72
CA SER C 220 -6.38 -8.26 37.44
C SER C 220 -5.29 -7.85 36.44
N LEU C 221 -5.48 -6.70 35.80
CA LEU C 221 -4.43 -6.21 34.85
C LEU C 221 -3.87 -4.93 35.39
N PRO C 222 -2.54 -4.75 35.38
CA PRO C 222 -1.88 -3.51 35.73
C PRO C 222 -2.28 -2.34 34.82
N GLN C 223 -2.32 -1.16 35.39
CA GLN C 223 -2.71 0.06 34.67
C GLN C 223 -1.55 0.43 33.78
N VAL C 224 -1.83 0.64 32.48
CA VAL C 224 -0.80 1.11 31.53
C VAL C 224 -1.44 2.23 30.67
N ASP C 225 -0.70 3.30 30.51
CA ASP C 225 -1.21 4.47 29.79
C ASP C 225 -0.30 4.79 28.61
N ILE C 226 -0.76 5.67 27.73
CA ILE C 226 0.01 6.08 26.52
C ILE C 226 0.11 7.60 26.42
N ALA C 227 1.25 8.13 26.14
CA ALA C 227 1.50 9.58 25.91
C ALA C 227 2.12 9.77 24.52
N TYR C 228 1.66 10.81 23.82
CA TYR C 228 2.04 11.08 22.42
C TYR C 228 3.26 11.94 22.35
N GLY C 229 4.19 11.67 21.42
CA GLY C 229 5.33 12.51 21.15
C GLY C 229 5.11 13.32 19.87
N TYR C 230 5.57 14.55 19.81
CA TYR C 230 5.29 15.55 18.75
C TYR C 230 6.22 16.74 18.97
N GLY C 231 6.34 17.65 17.99
CA GLY C 231 7.10 18.90 18.14
C GLY C 231 6.61 19.70 19.36
N ASN C 232 7.57 20.08 20.17
CA ASN C 232 7.27 20.92 21.37
C ASN C 232 6.49 20.18 22.44
N VAL C 233 6.48 18.84 22.48
CA VAL C 233 5.79 18.09 23.55
C VAL C 233 6.52 18.40 24.89
N THR C 234 5.78 18.37 25.98
CA THR C 234 6.36 18.52 27.34
C THR C 234 6.23 17.21 28.11
N ASP C 235 6.73 17.20 29.36
CA ASP C 235 6.61 15.97 30.14
C ASP C 235 5.26 15.90 30.85
N THR C 236 4.39 16.90 30.67
CA THR C 236 3.08 16.95 31.37
C THR C 236 2.26 15.65 31.34
N ALA C 237 1.93 15.01 30.21
CA ALA C 237 1.06 13.81 30.22
C ALA C 237 1.77 12.63 30.87
N TYR C 238 3.04 12.49 30.67
CA TYR C 238 3.87 11.37 31.19
C TYR C 238 3.75 11.37 32.74
N LYS C 239 4.01 12.53 33.30
CA LYS C 239 3.95 12.68 34.80
C LYS C 239 2.54 12.50 35.31
N ALA C 240 1.54 13.16 34.69
CA ALA C 240 0.15 13.06 35.12
C ALA C 240 -0.32 11.61 35.06
N LEU C 241 0.01 10.90 33.93
CA LEU C 241 -0.51 9.53 33.83
C LEU C 241 0.15 8.66 34.95
N ALA C 242 1.43 8.83 35.19
CA ALA C 242 2.13 8.10 36.27
C ALA C 242 1.52 8.46 37.67
N GLN C 243 1.22 9.73 37.87
CA GLN C 243 0.68 10.23 39.17
C GLN C 243 -0.71 9.61 39.40
N ASN C 244 -1.40 9.25 38.32
N ASN C 244 -1.51 9.36 38.35
CA ASN C 244 -2.78 8.77 38.38
CA ASN C 244 -2.84 8.72 38.46
C ASN C 244 -2.77 7.24 38.18
C ASN C 244 -2.78 7.21 38.23
N GLY C 245 -1.62 6.57 38.36
CA GLY C 245 -1.53 5.12 38.55
C GLY C 245 -0.82 4.26 37.49
N ALA C 246 -0.44 4.83 36.36
CA ALA C 246 0.22 4.01 35.32
C ALA C 246 1.45 3.29 35.89
N LYS C 247 1.50 1.98 35.71
CA LYS C 247 2.66 1.13 36.09
C LYS C 247 3.64 1.05 34.90
N ALA C 248 3.15 1.37 33.68
CA ALA C 248 4.04 1.51 32.51
C ALA C 248 3.45 2.64 31.63
N LEU C 249 4.34 3.33 31.01
CA LEU C 249 3.97 4.37 30.00
C LEU C 249 4.47 3.88 28.65
N ILE C 250 3.52 3.87 27.72
CA ILE C 250 3.85 3.69 26.27
C ILE C 250 4.09 5.06 25.69
N HIS C 251 5.30 5.33 25.25
CA HIS C 251 5.72 6.57 24.56
C HIS C 251 5.37 6.32 23.08
N ALA C 252 4.42 7.06 22.55
CA ALA C 252 4.12 6.98 21.11
C ALA C 252 5.00 8.03 20.46
N GLY C 253 6.24 7.72 20.20
CA GLY C 253 7.17 8.70 19.74
C GLY C 253 7.05 9.05 18.22
N THR C 254 7.68 10.13 17.90
CA THR C 254 8.08 10.49 16.50
C THR C 254 9.18 9.57 16.03
N GLY C 255 9.19 9.28 14.75
CA GLY C 255 10.22 8.41 14.16
C GLY C 255 10.47 7.08 14.86
N ASN C 256 11.73 6.79 15.09
CA ASN C 256 12.12 5.46 15.64
C ASN C 256 11.99 5.58 17.17
N GLY C 257 10.79 5.79 17.62
CA GLY C 257 10.47 5.93 19.04
C GLY C 257 11.23 7.07 19.65
N SER C 258 11.62 8.11 18.94
CA SER C 258 12.50 9.21 19.48
C SER C 258 11.83 9.98 20.63
N VAL C 259 12.64 10.43 21.55
CA VAL C 259 12.15 11.16 22.75
C VAL C 259 12.78 12.51 22.76
N SER C 260 11.96 13.55 22.86
CA SER C 260 12.43 14.95 22.98
C SER C 260 13.45 15.06 24.15
N SER C 261 14.51 15.80 23.95
CA SER C 261 15.50 16.04 25.01
C SER C 261 14.82 16.77 26.16
N ARG C 262 13.71 17.46 25.92
CA ARG C 262 12.94 18.11 26.98
C ARG C 262 12.25 17.08 27.87
N VAL C 263 11.96 15.86 27.42
CA VAL C 263 11.13 14.86 28.15
C VAL C 263 12.04 13.79 28.78
N VAL C 264 13.23 13.56 28.22
CA VAL C 264 14.16 12.48 28.65
C VAL C 264 14.29 12.55 30.19
N PRO C 265 14.61 13.67 30.81
CA PRO C 265 14.81 13.63 32.29
C PRO C 265 13.60 13.18 33.08
N ALA C 266 12.42 13.62 32.68
CA ALA C 266 11.21 13.07 33.27
C ALA C 266 11.14 11.55 33.12
N LEU C 267 11.46 10.99 31.95
CA LEU C 267 11.27 9.56 31.76
C LEU C 267 12.32 8.78 32.60
N GLN C 268 13.48 9.36 32.79
CA GLN C 268 14.56 8.79 33.69
C GLN C 268 14.05 8.82 35.14
N GLU C 269 13.45 9.92 35.56
CA GLU C 269 12.95 10.03 36.95
C GLU C 269 11.78 9.07 37.16
N LEU C 270 10.88 8.94 36.16
CA LEU C 270 9.78 7.98 36.24
C LEU C 270 10.29 6.56 36.30
N ARG C 271 11.31 6.17 35.51
CA ARG C 271 11.77 4.81 35.48
C ARG C 271 12.39 4.50 36.88
N LYS C 272 13.08 5.44 37.42
CA LYS C 272 13.66 5.15 38.81
C LYS C 272 12.56 4.97 39.84
N ASN C 273 11.41 5.66 39.67
CA ASN C 273 10.21 5.54 40.50
C ASN C 273 9.40 4.29 40.24
N GLY C 274 9.84 3.50 39.31
CA GLY C 274 9.37 2.17 39.10
C GLY C 274 8.46 2.04 37.88
N VAL C 275 8.33 3.11 37.11
CA VAL C 275 7.35 3.10 35.95
C VAL C 275 8.12 2.55 34.76
N GLN C 276 7.61 1.52 34.10
CA GLN C 276 8.29 0.96 32.91
C GLN C 276 8.11 1.95 31.75
N ILE C 277 9.13 2.20 30.95
CA ILE C 277 9.11 3.17 29.83
C ILE C 277 9.30 2.33 28.55
N ILE C 278 8.27 2.31 27.74
CA ILE C 278 8.23 1.45 26.52
C ILE C 278 8.14 2.38 25.30
N ARG C 279 9.18 2.33 24.48
CA ARG C 279 9.25 3.28 23.33
C ARG C 279 8.56 2.60 22.10
N SER C 280 7.37 3.10 21.83
CA SER C 280 6.62 2.78 20.57
C SER C 280 6.78 3.98 19.62
N SER C 281 5.86 4.08 18.63
CA SER C 281 5.92 5.21 17.70
C SER C 281 4.52 5.40 17.06
N HIS C 282 4.37 6.56 16.46
CA HIS C 282 3.19 6.88 15.62
C HIS C 282 3.57 6.73 14.16
N VAL C 283 4.43 5.77 13.87
CA VAL C 283 4.99 5.52 12.50
C VAL C 283 4.62 4.10 12.16
N ASN C 284 3.39 3.87 11.76
CA ASN C 284 2.65 2.61 12.01
C ASN C 284 2.47 1.76 10.74
N GLN C 285 2.91 2.20 9.58
CA GLN C 285 2.69 1.45 8.31
CA GLN C 285 2.69 1.45 8.32
C GLN C 285 3.75 0.37 8.10
N GLY C 286 4.96 0.46 8.68
CA GLY C 286 6.00 -0.56 8.55
C GLY C 286 7.27 -0.15 9.33
N GLY C 287 8.19 -1.07 9.38
CA GLY C 287 9.40 -0.98 10.21
C GLY C 287 9.12 -1.26 11.65
N PHE C 288 10.10 -0.90 12.50
CA PHE C 288 9.95 -1.14 13.96
C PHE C 288 10.93 -0.24 14.70
N VAL C 289 10.79 -0.18 16.02
CA VAL C 289 11.64 0.66 16.88
C VAL C 289 12.83 -0.20 17.40
N LEU C 290 14.05 0.26 17.06
CA LEU C 290 15.29 -0.49 17.27
C LEU C 290 15.84 -0.10 18.67
N ARG C 291 16.15 -1.08 19.50
CA ARG C 291 16.77 -0.85 20.83
C ARG C 291 18.11 -0.12 20.66
N ASN C 292 18.34 0.84 21.56
CA ASN C 292 19.58 1.65 21.61
C ASN C 292 19.79 2.56 20.39
N ALA C 293 18.88 2.71 19.42
CA ALA C 293 19.16 3.56 18.25
C ALA C 293 18.89 5.04 18.58
N GLU C 294 17.68 5.39 18.94
CA GLU C 294 17.33 6.80 19.15
C GLU C 294 17.55 7.18 20.62
N GLN C 295 17.58 6.23 21.52
CA GLN C 295 17.83 6.50 22.94
C GLN C 295 18.71 5.42 23.52
N PRO C 296 19.49 5.75 24.58
CA PRO C 296 20.23 4.67 25.24
C PRO C 296 19.40 3.83 26.19
N ASP C 297 18.68 2.82 25.68
CA ASP C 297 17.72 2.02 26.46
C ASP C 297 18.48 1.24 27.60
N ASP C 298 19.60 0.64 27.28
CA ASP C 298 20.34 -0.18 28.28
C ASP C 298 20.69 0.74 29.47
N LYS C 299 21.31 1.88 29.19
CA LYS C 299 21.70 2.92 30.20
C LYS C 299 20.49 3.34 31.00
N ASN C 300 19.28 3.56 30.42
CA ASN C 300 18.07 4.04 31.14
C ASN C 300 17.14 2.95 31.67
N ASP C 301 17.36 1.68 31.35
CA ASP C 301 16.47 0.57 31.71
C ASP C 301 15.10 0.76 31.12
N TRP C 302 15.10 1.13 29.84
CA TRP C 302 13.84 1.31 29.02
C TRP C 302 13.68 0.08 28.15
N VAL C 303 12.53 0.02 27.47
CA VAL C 303 12.14 -1.12 26.60
C VAL C 303 11.71 -0.49 25.25
N VAL C 304 12.04 -1.15 24.16
CA VAL C 304 11.46 -0.75 22.85
C VAL C 304 10.33 -1.67 22.51
N ALA C 305 9.28 -1.17 21.85
CA ALA C 305 8.07 -1.93 21.53
C ALA C 305 8.17 -2.66 20.18
N HIS C 306 9.33 -2.68 19.55
CA HIS C 306 9.60 -3.44 18.29
C HIS C 306 8.62 -2.88 17.24
N ASP C 307 7.78 -3.71 16.63
CA ASP C 307 6.87 -3.19 15.55
C ASP C 307 5.54 -2.77 16.11
N LEU C 308 5.26 -2.94 17.42
CA LEU C 308 3.92 -2.83 17.95
C LEU C 308 3.54 -1.36 18.11
N ASN C 309 2.36 -1.03 17.56
CA ASN C 309 1.87 0.33 17.65
C ASN C 309 1.52 0.63 19.11
N PRO C 310 1.18 1.89 19.46
CA PRO C 310 1.11 2.23 20.90
C PRO C 310 0.03 1.42 21.62
N GLN C 311 -1.18 1.27 21.10
CA GLN C 311 -2.30 0.55 21.72
C GLN C 311 -1.99 -0.93 21.82
N LYS C 312 -1.24 -1.50 20.89
CA LYS C 312 -0.89 -2.93 20.97
C LYS C 312 0.23 -3.10 22.04
N ALA C 313 1.17 -2.18 22.08
CA ALA C 313 2.27 -2.15 23.06
C ALA C 313 1.64 -2.05 24.45
N ARG C 314 0.57 -1.29 24.59
CA ARG C 314 -0.07 -1.22 25.92
C ARG C 314 -0.60 -2.60 26.30
N ILE C 315 -1.34 -3.27 25.42
CA ILE C 315 -1.91 -4.61 25.72
C ILE C 315 -0.75 -5.56 26.12
N LEU C 316 0.32 -5.62 25.33
CA LEU C 316 1.41 -6.59 25.61
C LEU C 316 2.02 -6.17 26.97
N ALA C 317 2.19 -4.88 27.25
CA ALA C 317 2.81 -4.45 28.53
C ALA C 317 1.90 -4.93 29.67
N MET C 318 0.60 -4.65 29.57
CA MET C 318 -0.35 -5.01 30.63
C MET C 318 -0.27 -6.51 30.90
N VAL C 319 -0.39 -7.36 29.88
CA VAL C 319 -0.36 -8.84 30.07
C VAL C 319 1.01 -9.20 30.68
N ALA C 320 2.09 -8.66 30.14
CA ALA C 320 3.46 -9.07 30.53
C ALA C 320 3.66 -8.76 32.03
N MET C 321 3.13 -7.65 32.48
CA MET C 321 3.44 -7.20 33.86
C MET C 321 2.54 -7.92 34.86
N THR C 322 1.64 -8.81 34.41
CA THR C 322 0.92 -9.76 35.32
C THR C 322 1.94 -10.81 35.75
N LYS C 323 3.05 -10.92 35.07
CA LYS C 323 3.99 -12.00 35.38
C LYS C 323 5.35 -11.41 35.75
N THR C 324 5.79 -10.26 35.25
CA THR C 324 7.15 -9.79 35.51
C THR C 324 7.18 -8.28 35.58
N GLN C 325 8.19 -7.72 36.25
CA GLN C 325 8.57 -6.29 36.18
C GLN C 325 10.04 -6.13 35.81
N ASP C 326 10.71 -7.17 35.40
CA ASP C 326 12.10 -7.14 34.97
C ASP C 326 12.10 -6.56 33.54
N SER C 327 12.72 -5.40 33.37
CA SER C 327 12.79 -4.66 32.07
C SER C 327 13.45 -5.56 31.01
N LYS C 328 14.43 -6.40 31.39
CA LYS C 328 15.05 -7.31 30.40
C LYS C 328 14.08 -8.40 30.01
N GLU C 329 13.23 -8.90 30.90
CA GLU C 329 12.25 -9.91 30.53
C GLU C 329 11.20 -9.20 29.66
N LEU C 330 10.82 -7.98 30.04
CA LEU C 330 9.86 -7.22 29.22
C LEU C 330 10.41 -7.06 27.80
N GLN C 331 11.67 -6.71 27.64
CA GLN C 331 12.25 -6.58 26.30
C GLN C 331 12.15 -7.91 25.57
N ARG C 332 12.53 -9.02 26.21
CA ARG C 332 12.44 -10.33 25.55
C ARG C 332 10.99 -10.54 25.06
N ILE C 333 10.01 -10.29 25.90
CA ILE C 333 8.59 -10.48 25.59
C ILE C 333 8.16 -9.58 24.41
N PHE C 334 8.66 -8.36 24.34
CA PHE C 334 8.39 -7.50 23.17
C PHE C 334 9.09 -7.96 21.89
N TRP C 335 10.10 -8.82 22.01
CA TRP C 335 10.80 -9.39 20.84
C TRP C 335 10.23 -10.75 20.46
N GLU C 336 9.38 -11.37 21.26
CA GLU C 336 8.89 -12.74 21.01
C GLU C 336 7.40 -12.80 20.70
N TYR C 337 6.62 -11.83 21.13
CA TYR C 337 5.16 -11.82 20.94
C TYR C 337 4.74 -10.71 19.92
N LEU D 9 20.68 29.67 -14.58
CA LEU D 9 20.68 28.73 -13.36
C LEU D 9 20.04 29.42 -12.16
N ALA D 10 19.05 28.78 -11.55
CA ALA D 10 18.29 29.31 -10.41
C ALA D 10 19.24 29.44 -9.21
N ASN D 11 19.02 30.45 -8.39
CA ASN D 11 19.74 30.63 -7.11
C ASN D 11 18.95 29.92 -6.00
N VAL D 12 19.57 28.94 -5.38
CA VAL D 12 18.86 28.13 -4.35
C VAL D 12 19.67 28.27 -3.08
N VAL D 13 18.97 28.56 -2.00
CA VAL D 13 19.51 28.56 -0.62
C VAL D 13 19.09 27.28 0.09
N ILE D 14 20.09 26.64 0.67
CA ILE D 14 19.91 25.48 1.57
C ILE D 14 20.00 26.01 3.00
N LEU D 15 18.92 25.79 3.74
CA LEU D 15 18.82 26.07 5.16
C LEU D 15 18.96 24.74 5.92
N ALA D 16 20.05 24.56 6.65
CA ALA D 16 20.36 23.36 7.43
C ALA D 16 19.80 23.58 8.84
N THR D 17 19.09 22.58 9.35
CA THR D 17 18.52 22.64 10.71
C THR D 17 19.04 21.50 11.60
N GLY D 18 19.64 20.47 11.00
CA GLY D 18 20.07 19.22 11.67
C GLY D 18 19.45 17.95 11.01
N GLY D 19 19.31 16.88 11.81
CA GLY D 19 18.79 15.58 11.34
C GLY D 19 19.89 14.64 10.85
N THR D 20 19.55 13.34 10.73
CA THR D 20 20.46 12.27 10.23
C THR D 20 21.12 12.68 8.90
N ILE D 21 20.53 13.56 8.05
CA ILE D 21 21.13 14.02 6.74
C ILE D 21 22.49 14.81 6.91
N ALA D 22 22.94 15.20 8.13
CA ALA D 22 24.09 16.10 8.41
C ALA D 22 25.03 15.50 9.49
N GLY D 40 27.82 21.13 9.36
CA GLY D 40 28.58 22.18 8.64
C GLY D 40 28.11 22.27 7.21
N VAL D 41 27.22 23.23 6.92
CA VAL D 41 26.41 23.26 5.67
C VAL D 41 27.34 23.47 4.48
N ASP D 42 28.50 24.12 4.61
CA ASP D 42 29.45 24.35 3.46
C ASP D 42 30.05 23.01 3.03
N LYS D 43 30.34 22.14 4.00
CA LYS D 43 30.83 20.75 3.77
C LYS D 43 29.72 20.02 3.01
N LEU D 44 28.56 19.88 3.65
CA LEU D 44 27.30 19.30 3.14
C LEU D 44 27.12 19.55 1.66
N ILE D 45 27.33 20.79 1.22
CA ILE D 45 27.19 21.22 -0.20
C ILE D 45 28.36 20.68 -1.03
N ALA D 46 29.62 20.86 -0.56
CA ALA D 46 30.84 20.45 -1.29
C ALA D 46 30.86 18.92 -1.42
N GLY D 47 30.21 18.21 -0.47
CA GLY D 47 29.98 16.75 -0.48
C GLY D 47 29.05 16.27 -1.60
N VAL D 48 28.40 17.18 -2.34
CA VAL D 48 27.59 16.91 -3.56
C VAL D 48 27.96 17.89 -4.66
N PRO D 49 29.12 17.74 -5.32
CA PRO D 49 29.55 18.69 -6.35
C PRO D 49 28.61 18.83 -7.56
N GLU D 50 27.84 17.76 -7.82
CA GLU D 50 26.81 17.73 -8.88
C GLU D 50 25.79 18.86 -8.65
N LEU D 51 25.60 19.33 -7.43
CA LEU D 51 24.66 20.47 -7.22
C LEU D 51 25.02 21.67 -8.12
N ALA D 52 26.32 21.99 -8.31
CA ALA D 52 26.79 23.17 -9.12
C ALA D 52 26.25 23.08 -10.56
N ASP D 53 26.02 21.86 -11.04
CA ASP D 53 25.45 21.61 -12.39
C ASP D 53 24.01 22.11 -12.48
N ILE D 54 23.20 22.06 -11.42
CA ILE D 54 21.73 22.28 -11.62
C ILE D 54 21.26 23.61 -11.04
N ALA D 55 22.09 24.26 -10.23
CA ALA D 55 21.72 25.51 -9.52
C ALA D 55 22.97 26.18 -8.95
N ASN D 56 22.87 27.48 -8.72
CA ASN D 56 23.86 28.26 -7.94
C ASN D 56 23.42 28.07 -6.50
N VAL D 57 24.17 27.33 -5.71
CA VAL D 57 23.67 27.01 -4.35
C VAL D 57 24.47 27.79 -3.29
N ARG D 58 23.80 28.30 -2.26
CA ARG D 58 24.52 28.71 -1.04
C ARG D 58 23.78 28.15 0.17
N GLY D 59 24.55 27.94 1.21
CA GLY D 59 24.07 27.34 2.47
C GLY D 59 24.08 28.31 3.64
N GLU D 60 23.13 28.11 4.55
CA GLU D 60 23.02 28.74 5.88
C GLU D 60 22.67 27.67 6.92
N GLN D 61 23.31 27.73 8.09
CA GLN D 61 22.89 26.92 9.25
C GLN D 61 21.90 27.74 10.06
N VAL D 62 20.59 27.47 9.97
CA VAL D 62 19.57 28.14 10.78
C VAL D 62 19.65 27.66 12.23
N MET D 63 19.81 26.36 12.43
CA MET D 63 19.91 25.75 13.78
C MET D 63 20.61 24.39 13.63
N GLN D 64 20.83 23.68 14.73
CA GLN D 64 21.50 22.35 14.66
C GLN D 64 20.81 21.49 15.72
N ILE D 65 19.68 20.91 15.33
CA ILE D 65 18.87 20.16 16.34
C ILE D 65 18.51 18.79 15.82
N ALA D 66 18.24 17.91 16.76
CA ALA D 66 17.52 16.65 16.54
C ALA D 66 16.06 17.05 16.42
N SER D 67 15.40 16.70 15.32
CA SER D 67 14.07 17.25 15.05
C SER D 67 13.02 16.78 16.07
N GLU D 68 13.24 15.69 16.80
CA GLU D 68 12.24 15.23 17.79
C GLU D 68 12.26 16.23 18.97
N SER D 69 13.32 17.01 19.05
CA SER D 69 13.49 18.02 20.14
C SER D 69 13.16 19.43 19.68
N ILE D 70 12.59 19.63 18.51
CA ILE D 70 12.23 20.98 18.04
C ILE D 70 11.23 21.65 19.02
N SER D 71 11.36 22.97 19.16
CA SER D 71 10.41 23.74 19.99
C SER D 71 9.59 24.64 19.08
N ASN D 72 8.50 25.22 19.60
CA ASN D 72 7.76 26.27 18.86
C ASN D 72 8.70 27.47 18.59
N ASP D 73 9.65 27.79 19.48
CA ASP D 73 10.61 28.90 19.24
C ASP D 73 11.39 28.57 17.97
N ASP D 74 11.81 27.31 17.89
CA ASP D 74 12.68 26.89 16.74
C ASP D 74 11.86 27.01 15.45
N LEU D 75 10.63 26.53 15.44
CA LEU D 75 9.76 26.58 14.23
C LEU D 75 9.52 28.02 13.82
N LEU D 76 9.19 28.91 14.76
CA LEU D 76 9.08 30.33 14.36
C LEU D 76 10.35 30.89 13.74
N LYS D 77 11.53 30.66 14.29
CA LYS D 77 12.79 31.18 13.82
C LYS D 77 12.99 30.74 12.34
N LEU D 78 12.76 29.44 12.11
CA LEU D 78 12.83 28.93 10.70
C LEU D 78 11.81 29.62 9.79
N GLY D 79 10.54 29.67 10.18
CA GLY D 79 9.46 30.37 9.45
C GLY D 79 9.93 31.78 9.07
N LYS D 80 10.49 32.49 10.04
CA LYS D 80 10.87 33.90 9.77
C LYS D 80 12.00 34.00 8.73
N ARG D 81 13.00 33.14 8.82
CA ARG D 81 14.20 33.19 8.00
C ARG D 81 13.85 32.75 6.59
N VAL D 82 12.96 31.77 6.46
CA VAL D 82 12.42 31.37 5.12
C VAL D 82 11.79 32.60 4.46
N ALA D 83 11.04 33.38 5.24
CA ALA D 83 10.21 34.49 4.73
C ALA D 83 11.15 35.61 4.26
N GLU D 84 12.22 35.85 4.97
CA GLU D 84 13.23 36.88 4.59
C GLU D 84 13.88 36.46 3.27
N LEU D 85 14.20 35.17 3.17
CA LEU D 85 14.86 34.67 1.93
C LEU D 85 13.89 34.69 0.76
N ALA D 86 12.62 34.35 0.94
CA ALA D 86 11.61 34.28 -0.13
C ALA D 86 11.36 35.68 -0.67
N GLU D 87 11.48 36.69 0.18
CA GLU D 87 11.36 38.11 -0.26
C GLU D 87 12.63 38.59 -1.02
N SER D 88 13.81 38.06 -0.75
CA SER D 88 15.10 38.39 -1.42
C SER D 88 14.99 38.13 -2.94
N LYS D 89 15.50 39.06 -3.75
CA LYS D 89 15.51 38.86 -5.22
C LYS D 89 16.71 37.99 -5.60
N ASP D 90 17.70 37.81 -4.75
CA ASP D 90 18.87 36.91 -4.99
C ASP D 90 18.47 35.42 -4.84
N VAL D 91 17.19 35.14 -4.60
CA VAL D 91 16.68 33.79 -4.17
C VAL D 91 15.57 33.36 -5.10
N ASP D 92 15.79 32.21 -5.75
CA ASP D 92 14.72 31.63 -6.59
C ASP D 92 14.03 30.45 -5.87
N GLY D 93 14.77 29.71 -5.05
CA GLY D 93 14.13 28.58 -4.33
C GLY D 93 14.82 28.32 -3.06
N ILE D 94 14.15 27.56 -2.20
CA ILE D 94 14.62 27.29 -0.83
C ILE D 94 14.55 25.75 -0.52
N VAL D 95 15.64 25.19 -0.08
CA VAL D 95 15.74 23.78 0.44
C VAL D 95 16.00 23.87 1.96
N ILE D 96 15.23 23.13 2.72
CA ILE D 96 15.44 22.97 4.16
C ILE D 96 15.83 21.51 4.39
N THR D 97 17.00 21.29 4.94
CA THR D 97 17.46 19.97 5.38
C THR D 97 17.01 19.77 6.82
N HIS D 98 16.40 18.62 7.12
CA HIS D 98 15.62 18.47 8.38
C HIS D 98 15.74 17.03 8.88
N GLY D 99 15.74 16.84 10.18
CA GLY D 99 15.50 15.50 10.70
C GLY D 99 14.16 14.96 10.25
N THR D 100 14.05 13.63 10.13
CA THR D 100 12.81 12.97 9.75
C THR D 100 11.72 13.10 10.77
N ASP D 101 12.05 12.99 12.05
CA ASP D 101 11.00 12.80 13.06
C ASP D 101 9.86 13.82 12.98
N THR D 102 10.17 15.12 12.84
CA THR D 102 9.14 16.17 12.77
C THR D 102 9.18 16.91 11.44
N LEU D 103 9.86 16.30 10.45
CA LEU D 103 9.89 16.90 9.08
C LEU D 103 8.47 17.26 8.65
N GLU D 104 7.50 16.40 8.84
CA GLU D 104 6.12 16.54 8.31
C GLU D 104 5.46 17.76 8.96
N GLU D 105 5.83 18.05 10.24
CA GLU D 105 5.22 19.15 11.03
C GLU D 105 5.74 20.46 10.44
N THR D 106 7.00 20.53 10.24
CA THR D 106 7.72 21.70 9.72
C THR D 106 7.21 21.97 8.32
N ALA D 107 7.11 20.89 7.57
CA ALA D 107 6.61 21.07 6.19
C ALA D 107 5.20 21.60 6.15
N PHE D 108 4.26 21.17 6.96
CA PHE D 108 2.90 21.63 7.00
C PHE D 108 2.89 23.08 7.49
N PHE D 109 3.64 23.36 8.57
CA PHE D 109 3.74 24.77 9.11
C PHE D 109 4.09 25.74 7.97
N LEU D 110 5.18 25.52 7.26
CA LEU D 110 5.68 26.41 6.17
C LEU D 110 4.63 26.49 5.09
N ASN D 111 3.90 25.38 4.83
CA ASN D 111 2.83 25.37 3.83
C ASN D 111 1.67 26.32 4.21
N LEU D 112 1.48 26.56 5.52
CA LEU D 112 0.42 27.44 5.94
C LEU D 112 0.88 28.90 6.03
N VAL D 113 2.12 29.19 6.36
CA VAL D 113 2.50 30.59 6.73
C VAL D 113 3.41 31.30 5.72
N GLU D 114 3.93 30.63 4.69
CA GLU D 114 4.93 31.25 3.79
C GLU D 114 4.13 31.74 2.60
N LYS D 115 3.86 33.03 2.50
CA LYS D 115 2.93 33.50 1.43
C LYS D 115 3.82 33.86 0.25
N THR D 116 4.37 32.85 -0.42
CA THR D 116 5.32 33.02 -1.54
C THR D 116 5.02 31.97 -2.57
N ASP D 117 5.34 32.17 -3.84
CA ASP D 117 5.19 30.95 -4.67
C ASP D 117 6.56 30.53 -5.21
N LYS D 118 7.64 30.99 -4.61
CA LYS D 118 8.95 30.44 -4.81
C LYS D 118 8.89 29.02 -4.18
N PRO D 119 9.45 28.05 -4.88
CA PRO D 119 9.52 26.69 -4.34
C PRO D 119 10.21 26.61 -2.98
N ILE D 120 9.57 25.84 -2.07
CA ILE D 120 10.11 25.46 -0.74
C ILE D 120 10.05 23.92 -0.67
N VAL D 121 11.22 23.35 -0.44
CA VAL D 121 11.44 21.89 -0.37
C VAL D 121 12.09 21.57 0.97
N VAL D 122 11.52 20.62 1.68
CA VAL D 122 12.07 20.07 2.93
C VAL D 122 12.53 18.65 2.63
N VAL D 123 13.71 18.26 3.11
CA VAL D 123 14.25 16.97 2.74
C VAL D 123 15.10 16.48 3.92
N GLY D 124 15.11 15.17 4.11
CA GLY D 124 15.87 14.51 5.14
C GLY D 124 16.44 13.22 4.61
N SER D 125 16.96 12.42 5.50
CA SER D 125 17.52 11.12 5.10
C SER D 125 17.24 10.11 6.19
N MET D 126 17.09 8.85 5.79
CA MET D 126 16.84 7.76 6.75
C MET D 126 18.16 7.19 7.26
N ARG D 127 19.26 7.39 6.54
CA ARG D 127 20.60 6.81 6.81
C ARG D 127 21.61 7.96 6.91
N PRO D 128 22.61 7.95 7.83
CA PRO D 128 23.62 9.00 7.82
C PRO D 128 24.58 8.90 6.63
N GLY D 129 25.15 10.00 6.20
CA GLY D 129 26.00 10.08 5.00
C GLY D 129 27.15 9.07 5.04
N THR D 130 27.53 8.62 6.24
CA THR D 130 28.67 7.67 6.42
C THR D 130 28.21 6.25 6.12
N ALA D 131 26.91 5.94 6.23
CA ALA D 131 26.43 4.56 6.18
C ALA D 131 26.52 4.07 4.73
N MET D 132 26.54 2.74 4.61
CA MET D 132 26.37 2.02 3.34
C MET D 132 25.01 2.41 2.70
N SER D 133 25.07 2.75 1.44
CA SER D 133 23.91 3.03 0.57
C SER D 133 23.11 4.20 1.17
N ALA D 134 23.81 5.18 1.67
CA ALA D 134 23.11 6.36 2.28
C ALA D 134 22.24 7.09 1.25
N ASP D 135 21.04 7.55 1.67
CA ASP D 135 19.99 8.09 0.78
C ASP D 135 20.09 9.62 0.69
N GLY D 136 20.83 10.26 1.59
CA GLY D 136 20.84 11.75 1.67
C GLY D 136 21.35 12.45 0.44
N MET D 137 22.39 11.95 -0.20
CA MET D 137 23.01 12.68 -1.30
C MET D 137 22.01 12.88 -2.43
N LEU D 138 21.40 11.79 -2.89
CA LEU D 138 20.45 11.90 -3.99
C LEU D 138 19.20 12.66 -3.48
N ASN D 139 18.84 12.53 -2.18
CA ASN D 139 17.66 13.30 -1.71
C ASN D 139 17.98 14.80 -1.89
N LEU D 140 19.17 15.22 -1.49
CA LEU D 140 19.55 16.66 -1.47
C LEU D 140 19.61 17.14 -2.93
N TYR D 141 20.17 16.32 -3.83
CA TYR D 141 20.22 16.68 -5.27
C TYR D 141 18.84 16.88 -5.81
N ASN D 142 17.95 15.93 -5.52
CA ASN D 142 16.54 15.99 -5.93
C ASN D 142 15.90 17.25 -5.35
N ALA D 143 16.15 17.57 -4.07
CA ALA D 143 15.51 18.74 -3.47
C ALA D 143 15.92 20.02 -4.20
N VAL D 144 17.18 20.10 -4.50
CA VAL D 144 17.74 21.28 -5.21
C VAL D 144 17.15 21.35 -6.60
N ALA D 145 17.08 20.18 -7.26
CA ALA D 145 16.50 20.11 -8.63
C ALA D 145 15.06 20.59 -8.62
N VAL D 146 14.27 20.08 -7.69
CA VAL D 146 12.89 20.52 -7.51
C VAL D 146 12.80 22.03 -7.13
N ALA D 147 13.65 22.50 -6.26
CA ALA D 147 13.56 23.92 -5.82
C ALA D 147 13.94 24.84 -6.98
N SER D 148 14.73 24.36 -7.92
CA SER D 148 15.16 25.13 -9.11
C SER D 148 14.19 24.99 -10.31
N ASP D 149 13.17 24.19 -10.21
CA ASP D 149 12.29 23.85 -11.35
C ASP D 149 11.12 24.81 -11.43
N LYS D 150 10.82 25.32 -12.63
CA LYS D 150 9.61 26.18 -12.81
C LYS D 150 8.33 25.47 -12.42
N GLN D 151 8.27 24.15 -12.62
CA GLN D 151 7.06 23.39 -12.37
C GLN D 151 6.73 23.39 -10.89
N SER D 152 7.67 23.73 -10.06
CA SER D 152 7.45 23.71 -8.58
C SER D 152 6.77 24.99 -8.12
N ARG D 153 6.72 26.01 -8.98
CA ARG D 153 6.21 27.31 -8.50
C ARG D 153 4.76 27.13 -8.22
N GLY D 154 4.32 27.76 -7.12
CA GLY D 154 2.92 27.79 -6.72
C GLY D 154 2.36 26.50 -6.24
N LYS D 155 3.16 25.44 -6.03
CA LYS D 155 2.59 24.11 -5.73
C LYS D 155 2.51 23.93 -4.20
N GLY D 156 2.98 24.91 -3.46
CA GLY D 156 3.02 24.73 -1.97
C GLY D 156 4.31 24.03 -1.58
N VAL D 157 4.46 23.73 -0.26
CA VAL D 157 5.71 23.14 0.21
C VAL D 157 5.74 21.65 -0.25
N LEU D 158 6.90 21.28 -0.67
CA LEU D 158 7.16 19.90 -1.21
C LEU D 158 8.17 19.19 -0.33
N VAL D 159 8.07 17.84 -0.28
CA VAL D 159 9.11 16.95 0.29
C VAL D 159 9.61 15.96 -0.79
N THR D 160 10.92 15.88 -0.97
CA THR D 160 11.54 15.14 -2.08
C THR D 160 12.44 14.01 -1.59
N MET D 161 11.86 13.00 -0.99
CA MET D 161 12.63 11.79 -0.62
C MET D 161 12.21 10.60 -1.54
N ASN D 162 13.06 9.60 -1.70
CA ASN D 162 12.64 8.30 -2.30
C ASN D 162 12.19 8.60 -3.78
N ASP D 163 12.76 9.57 -4.43
CA ASP D 163 12.45 9.95 -5.87
C ASP D 163 11.00 10.41 -5.98
N GLU D 164 10.37 10.82 -4.87
CA GLU D 164 8.98 11.24 -4.91
C GLU D 164 8.87 12.75 -4.71
N ILE D 165 7.84 13.35 -5.31
CA ILE D 165 7.42 14.74 -4.99
C ILE D 165 6.18 14.58 -4.16
N GLN D 166 6.29 14.85 -2.86
CA GLN D 166 5.16 14.71 -1.92
C GLN D 166 4.67 16.11 -1.42
N SER D 167 3.39 16.22 -1.20
CA SER D 167 2.77 17.45 -0.64
C SER D 167 3.24 17.57 0.84
N GLY D 168 3.82 18.70 1.19
CA GLY D 168 4.13 19.10 2.60
C GLY D 168 2.92 19.05 3.49
N ARG D 169 1.72 19.25 2.97
CA ARG D 169 0.45 19.17 3.69
C ARG D 169 0.27 17.80 4.33
N ASP D 170 0.34 16.73 3.57
CA ASP D 170 -0.28 15.47 4.07
C ASP D 170 0.71 14.32 3.98
N VAL D 171 1.94 14.60 3.67
CA VAL D 171 2.99 13.55 3.69
C VAL D 171 3.30 13.34 5.21
N SER D 172 3.53 12.12 5.58
CA SER D 172 3.87 11.76 7.00
C SER D 172 4.96 10.71 7.02
N MET D 173 5.70 10.70 8.11
CA MET D 173 6.64 9.63 8.33
C MET D 173 5.81 8.44 8.76
N ALA D 174 5.68 7.44 7.85
CA ALA D 174 4.71 6.34 8.00
C ALA D 174 5.44 5.00 8.18
N VAL D 175 6.61 4.91 7.66
CA VAL D 175 7.39 3.63 7.76
C VAL D 175 8.74 3.94 8.44
N ASN D 176 9.11 3.18 9.47
CA ASN D 176 10.40 3.34 10.14
C ASN D 176 11.48 2.52 9.38
N ILE D 177 12.73 3.00 9.49
CA ILE D 177 13.97 2.39 9.02
C ILE D 177 14.14 2.61 7.50
N LYS D 178 13.14 2.23 6.75
CA LYS D 178 13.22 2.18 5.28
C LYS D 178 13.28 3.55 4.63
N THR D 179 13.88 3.64 3.45
CA THR D 179 14.04 4.92 2.74
C THR D 179 12.66 5.39 2.22
N GLU D 180 11.65 4.54 2.09
CA GLU D 180 10.32 4.99 1.61
C GLU D 180 9.48 5.49 2.79
N ALA D 181 10.10 5.99 3.84
CA ALA D 181 9.41 6.35 5.09
C ALA D 181 8.23 7.30 4.90
N PHE D 182 8.28 8.20 3.93
CA PHE D 182 7.31 9.36 3.83
C PHE D 182 6.22 9.03 2.81
N LYS D 183 5.00 8.94 3.29
CA LYS D 183 3.83 8.54 2.49
C LYS D 183 2.71 9.54 2.71
N SER D 184 1.81 9.66 1.73
CA SER D 184 0.50 10.33 1.86
C SER D 184 -0.62 9.41 1.57
N ALA D 185 -1.72 9.55 2.27
CA ALA D 185 -2.99 8.87 2.00
C ALA D 185 -3.45 9.22 0.54
N TRP D 186 -3.09 10.40 0.08
CA TRP D 186 -3.62 10.95 -1.20
C TRP D 186 -2.55 10.71 -2.29
N GLY D 187 -1.50 9.97 -1.97
CA GLY D 187 -0.45 9.67 -2.93
C GLY D 187 0.59 10.72 -3.18
N PRO D 188 1.73 10.34 -3.81
CA PRO D 188 2.69 11.31 -4.26
C PRO D 188 2.03 12.17 -5.36
N MET D 189 2.47 13.38 -5.48
CA MET D 189 2.01 14.28 -6.54
C MET D 189 2.88 14.02 -7.78
N GLY D 190 4.11 13.60 -7.62
CA GLY D 190 5.03 13.42 -8.74
C GLY D 190 6.23 12.60 -8.37
N MET D 191 7.19 12.56 -9.25
CA MET D 191 8.46 11.92 -9.08
C MET D 191 9.56 12.80 -9.59
N VAL D 192 10.72 12.63 -9.02
CA VAL D 192 11.94 13.33 -9.49
C VAL D 192 12.95 12.25 -9.78
N VAL D 193 13.38 12.25 -11.04
CA VAL D 193 14.33 11.27 -11.59
C VAL D 193 15.36 11.97 -12.47
N GLU D 194 16.65 11.66 -12.26
CA GLU D 194 17.83 12.23 -12.97
C GLU D 194 17.63 13.74 -13.00
N GLY D 195 17.20 14.29 -11.88
CA GLY D 195 16.97 15.75 -11.67
C GLY D 195 15.77 16.34 -12.39
N LYS D 196 14.92 15.53 -13.01
CA LYS D 196 13.74 16.07 -13.67
C LYS D 196 12.47 15.75 -12.92
N SER D 197 11.53 16.65 -12.97
CA SER D 197 10.25 16.50 -12.25
C SER D 197 9.14 16.08 -13.20
N TYR D 198 8.42 15.07 -12.79
CA TYR D 198 7.25 14.51 -13.47
C TYR D 198 6.06 14.60 -12.54
N TRP D 199 5.05 15.35 -12.94
CA TRP D 199 3.84 15.64 -12.15
C TRP D 199 2.68 14.80 -12.59
N PHE D 200 1.90 14.29 -11.68
CA PHE D 200 0.69 13.48 -11.93
C PHE D 200 -0.57 14.02 -11.25
N ARG D 201 -0.38 14.84 -10.20
CA ARG D 201 -1.48 15.34 -9.40
C ARG D 201 -1.10 16.76 -8.98
N LEU D 202 -2.13 17.55 -8.69
CA LEU D 202 -1.96 18.92 -8.18
C LEU D 202 -2.62 18.99 -6.83
N PRO D 203 -2.19 19.92 -5.98
CA PRO D 203 -2.82 20.06 -4.68
C PRO D 203 -4.22 20.65 -4.79
N ALA D 204 -5.14 20.27 -3.91
CA ALA D 204 -6.52 20.79 -3.86
C ALA D 204 -6.70 21.72 -2.65
N LYS D 205 -5.79 21.72 -1.70
CA LYS D 205 -6.05 22.48 -0.43
C LYS D 205 -5.26 23.76 -0.40
N ARG D 206 -5.74 24.76 0.36
CA ARG D 206 -5.06 26.06 0.36
C ARG D 206 -3.68 25.96 0.93
N HIS D 207 -2.80 26.76 0.43
CA HIS D 207 -1.40 26.77 0.78
C HIS D 207 -0.82 28.09 0.35
N THR D 208 0.29 28.39 0.97
CA THR D 208 1.32 29.42 0.67
C THR D 208 0.62 30.68 0.12
N VAL D 209 0.76 30.98 -1.15
CA VAL D 209 0.22 32.22 -1.80
C VAL D 209 -1.25 32.46 -1.46
N ASN D 210 -2.09 31.44 -1.38
CA ASN D 210 -3.55 31.57 -1.21
C ASN D 210 -3.95 31.31 0.27
N SER D 211 -2.99 31.18 1.20
CA SER D 211 -3.26 31.04 2.66
C SER D 211 -3.74 32.39 3.26
N GLU D 212 -4.61 32.35 4.24
CA GLU D 212 -5.02 33.56 5.01
C GLU D 212 -4.04 33.82 6.16
N PHE D 213 -3.02 32.98 6.38
CA PHE D 213 -2.03 33.11 7.47
C PHE D 213 -0.73 33.58 6.86
N ASP D 214 0.09 34.32 7.58
CA ASP D 214 1.38 34.90 7.11
C ASP D 214 2.34 35.02 8.25
N ILE D 215 3.54 34.44 8.12
CA ILE D 215 4.55 34.34 9.19
C ILE D 215 4.92 35.81 9.51
N LYS D 216 4.72 36.73 8.56
CA LYS D 216 5.11 38.14 8.82
C LYS D 216 4.27 38.75 9.95
N GLN D 217 3.04 38.30 10.20
CA GLN D 217 2.12 38.79 11.24
C GLN D 217 2.18 37.86 12.48
N ILE D 218 2.97 36.77 12.48
CA ILE D 218 2.97 35.73 13.56
C ILE D 218 4.30 35.81 14.29
N SER D 219 4.28 36.22 15.57
CA SER D 219 5.52 36.34 16.38
C SER D 219 5.52 35.28 17.50
N SER D 220 4.42 34.57 17.66
CA SER D 220 4.19 33.65 18.78
C SER D 220 3.17 32.60 18.32
N LEU D 221 3.15 31.49 19.03
CA LEU D 221 2.14 30.46 18.75
C LEU D 221 1.46 30.02 20.01
N PRO D 222 0.14 29.83 19.97
CA PRO D 222 -0.59 29.29 21.09
C PRO D 222 -0.15 27.86 21.43
N GLN D 223 -0.25 27.51 22.71
CA GLN D 223 0.04 26.16 23.23
C GLN D 223 -1.04 25.20 22.80
N VAL D 224 -0.66 24.12 22.06
CA VAL D 224 -1.59 23.05 21.68
C VAL D 224 -0.91 21.69 21.96
N ASP D 225 -1.67 20.78 22.57
CA ASP D 225 -1.13 19.49 22.98
C ASP D 225 -2.01 18.37 22.48
N ILE D 226 -1.52 17.13 22.54
CA ILE D 226 -2.21 15.93 22.00
C ILE D 226 -2.34 14.87 23.06
N ALA D 227 -3.51 14.29 23.19
CA ALA D 227 -3.79 13.15 24.07
C ALA D 227 -4.25 11.97 23.23
N TYR D 228 -3.87 10.79 23.63
CA TYR D 228 -4.09 9.56 22.88
C TYR D 228 -5.31 8.82 23.40
N GLY D 229 -6.17 8.25 22.52
CA GLY D 229 -7.29 7.37 22.85
C GLY D 229 -6.99 5.90 22.64
N TYR D 230 -7.47 5.08 23.54
CA TYR D 230 -7.20 3.65 23.59
C TYR D 230 -8.09 3.03 24.65
N GLY D 231 -8.11 1.71 24.72
CA GLY D 231 -8.88 0.96 25.69
C GLY D 231 -8.58 1.43 27.13
N ASN D 232 -9.62 1.64 27.94
CA ASN D 232 -9.44 2.04 29.38
C ASN D 232 -8.78 3.40 29.56
N VAL D 233 -8.67 4.27 28.53
CA VAL D 233 -8.16 5.65 28.69
C VAL D 233 -9.07 6.41 29.66
N THR D 234 -8.41 7.26 30.42
CA THR D 234 -9.10 8.16 31.35
C THR D 234 -8.93 9.60 30.95
N ASP D 235 -9.53 10.52 31.71
CA ASP D 235 -9.39 11.95 31.39
C ASP D 235 -8.09 12.56 31.84
N THR D 236 -7.20 11.82 32.51
CA THR D 236 -6.00 12.39 33.08
C THR D 236 -5.19 13.24 32.12
N ALA D 237 -4.72 12.74 30.97
CA ALA D 237 -3.81 13.53 30.15
C ALA D 237 -4.52 14.81 29.73
N TYR D 238 -5.78 14.73 29.31
CA TYR D 238 -6.53 15.90 28.78
C TYR D 238 -6.54 17.00 29.84
N LYS D 239 -7.00 16.64 31.04
CA LYS D 239 -7.00 17.65 32.16
C LYS D 239 -5.62 18.20 32.45
N ALA D 240 -4.59 17.36 32.57
CA ALA D 240 -3.26 17.83 32.89
C ALA D 240 -2.75 18.78 31.82
N LEU D 241 -3.01 18.41 30.53
CA LEU D 241 -2.43 19.28 29.50
C LEU D 241 -3.13 20.66 29.53
N ALA D 242 -4.40 20.68 29.78
CA ALA D 242 -5.19 21.93 29.92
C ALA D 242 -4.67 22.71 31.18
N GLN D 243 -4.44 22.01 32.31
CA GLN D 243 -3.95 22.66 33.57
C GLN D 243 -2.60 23.31 33.28
N ASN D 244 -1.78 22.77 32.36
CA ASN D 244 -0.42 23.29 32.13
C ASN D 244 -0.42 24.15 30.85
N GLY D 245 -1.59 24.62 30.40
CA GLY D 245 -1.58 25.72 29.44
C GLY D 245 -2.17 25.38 28.07
N ALA D 246 -2.60 24.17 27.80
CA ALA D 246 -3.09 23.88 26.43
C ALA D 246 -4.27 24.78 26.12
N LYS D 247 -4.21 25.53 24.99
CA LYS D 247 -5.37 26.34 24.50
C LYS D 247 -6.28 25.52 23.56
N ALA D 248 -5.72 24.41 23.05
CA ALA D 248 -6.46 23.40 22.32
C ALA D 248 -5.84 22.05 22.63
N LEU D 249 -6.70 21.08 22.60
CA LEU D 249 -6.29 19.67 22.70
C LEU D 249 -6.63 19.00 21.37
N ILE D 250 -5.68 18.27 20.88
CA ILE D 250 -5.97 17.31 19.77
C ILE D 250 -6.23 15.96 20.44
N HIS D 251 -7.38 15.40 20.19
CA HIS D 251 -7.81 14.08 20.65
C HIS D 251 -7.37 13.10 19.56
N ALA D 252 -6.39 12.24 19.83
CA ALA D 252 -5.94 11.21 18.83
C ALA D 252 -6.78 9.99 19.13
N GLY D 253 -8.03 10.00 18.70
CA GLY D 253 -8.95 8.92 18.97
C GLY D 253 -8.72 7.63 18.24
N THR D 254 -9.40 6.63 18.72
CA THR D 254 -9.65 5.33 18.06
C THR D 254 -10.61 5.61 16.88
N GLY D 255 -10.60 4.77 15.87
CA GLY D 255 -11.66 4.83 14.83
C GLY D 255 -11.85 6.22 14.33
N ASN D 256 -13.10 6.61 14.11
CA ASN D 256 -13.45 7.91 13.48
C ASN D 256 -13.45 9.00 14.58
N GLY D 257 -12.27 9.30 15.15
CA GLY D 257 -12.12 10.26 16.26
C GLY D 257 -12.97 9.92 17.46
N SER D 258 -13.27 8.64 17.76
CA SER D 258 -14.21 8.22 18.82
C SER D 258 -13.65 8.64 20.20
N VAL D 259 -14.52 9.00 21.11
CA VAL D 259 -14.15 9.48 22.46
C VAL D 259 -14.79 8.52 23.45
N SER D 260 -13.99 8.00 24.39
CA SER D 260 -14.48 7.22 25.55
C SER D 260 -15.57 7.97 26.34
N SER D 261 -16.60 7.27 26.73
CA SER D 261 -17.64 7.75 27.67
C SER D 261 -16.98 8.26 28.96
N ARG D 262 -15.79 7.79 29.31
CA ARG D 262 -15.04 8.25 30.49
C ARG D 262 -14.35 9.57 30.25
N VAL D 263 -14.24 10.00 29.01
CA VAL D 263 -13.46 11.21 28.69
C VAL D 263 -14.41 12.34 28.26
N VAL D 264 -15.57 12.01 27.72
CA VAL D 264 -16.54 13.01 27.15
C VAL D 264 -16.81 14.11 28.18
N PRO D 265 -17.20 13.76 29.41
CA PRO D 265 -17.50 14.79 30.41
C PRO D 265 -16.35 15.77 30.66
N ALA D 266 -15.09 15.32 30.67
CA ALA D 266 -13.94 16.21 30.85
C ALA D 266 -13.79 17.17 29.66
N LEU D 267 -13.95 16.64 28.43
CA LEU D 267 -13.78 17.46 27.21
C LEU D 267 -14.87 18.57 27.19
N GLN D 268 -16.06 18.23 27.58
CA GLN D 268 -17.17 19.24 27.72
C GLN D 268 -16.85 20.32 28.72
N GLU D 269 -16.23 19.96 29.84
CA GLU D 269 -15.86 20.93 30.88
C GLU D 269 -14.70 21.76 30.37
N LEU D 270 -13.73 21.13 29.66
CA LEU D 270 -12.62 21.86 29.12
C LEU D 270 -13.07 22.87 28.04
N ARG D 271 -13.99 22.49 27.17
CA ARG D 271 -14.50 23.37 26.09
C ARG D 271 -15.20 24.57 26.77
N LYS D 272 -15.97 24.28 27.80
CA LYS D 272 -16.64 25.37 28.57
C LYS D 272 -15.62 26.35 29.13
N ASN D 273 -14.38 25.96 29.53
CA ASN D 273 -13.31 26.82 30.06
C ASN D 273 -12.58 27.49 28.93
N GLY D 274 -13.01 27.24 27.67
CA GLY D 274 -12.49 27.89 26.48
C GLY D 274 -11.45 27.05 25.75
N VAL D 275 -11.20 25.78 26.14
CA VAL D 275 -10.15 24.99 25.44
C VAL D 275 -10.81 24.41 24.19
N GLN D 276 -10.22 24.60 23.01
CA GLN D 276 -10.80 23.97 21.78
C GLN D 276 -10.54 22.46 21.86
N ILE D 277 -11.48 21.68 21.43
CA ILE D 277 -11.43 20.20 21.36
C ILE D 277 -11.47 19.80 19.89
N ILE D 278 -10.37 19.26 19.39
CA ILE D 278 -10.23 18.93 17.95
C ILE D 278 -10.09 17.41 17.89
N ARG D 279 -11.02 16.75 17.23
CA ARG D 279 -10.99 15.29 17.14
C ARG D 279 -10.20 14.86 15.90
N SER D 280 -9.05 14.26 16.13
CA SER D 280 -8.22 13.53 15.16
C SER D 280 -8.38 12.04 15.46
N SER D 281 -7.52 11.24 14.90
CA SER D 281 -7.47 9.78 15.12
C SER D 281 -6.03 9.22 14.94
N HIS D 282 -5.86 8.00 15.37
CA HIS D 282 -4.62 7.28 15.07
C HIS D 282 -4.90 6.26 14.00
N VAL D 283 -5.78 6.60 13.08
CA VAL D 283 -6.14 5.71 11.96
C VAL D 283 -5.69 6.47 10.70
N ASN D 284 -4.41 6.30 10.34
CA ASN D 284 -3.63 7.32 9.64
C ASN D 284 -3.41 6.93 8.16
N GLN D 285 -3.78 5.76 7.69
CA GLN D 285 -3.46 5.35 6.30
CA GLN D 285 -3.41 5.37 6.29
C GLN D 285 -4.50 5.85 5.29
N GLY D 286 -5.71 6.20 5.72
CA GLY D 286 -6.71 6.71 4.78
C GLY D 286 -7.97 7.13 5.49
N GLY D 287 -8.88 7.70 4.74
CA GLY D 287 -10.14 8.18 5.30
C GLY D 287 -9.97 9.46 6.06
N PHE D 288 -11.04 9.86 6.74
CA PHE D 288 -11.00 11.09 7.58
C PHE D 288 -11.99 10.93 8.71
N VAL D 289 -11.94 11.91 9.63
CA VAL D 289 -12.90 12.01 10.73
C VAL D 289 -14.08 12.92 10.30
N LEU D 290 -15.27 12.35 10.31
CA LEU D 290 -16.54 12.98 9.88
C LEU D 290 -17.17 13.73 11.05
N ARG D 291 -17.47 15.01 10.84
CA ARG D 291 -18.24 15.81 11.80
C ARG D 291 -19.59 15.17 12.16
N ASN D 292 -19.90 15.20 13.46
CA ASN D 292 -21.15 14.70 14.04
C ASN D 292 -21.34 13.19 13.92
N ALA D 293 -20.37 12.39 13.46
CA ALA D 293 -20.58 10.93 13.31
C ALA D 293 -20.38 10.22 14.66
N GLU D 294 -19.19 10.28 15.22
CA GLU D 294 -18.95 9.54 16.50
C GLU D 294 -19.36 10.35 17.72
N GLN D 295 -19.39 11.66 17.57
CA GLN D 295 -19.70 12.56 18.71
C GLN D 295 -20.54 13.72 18.18
N PRO D 296 -21.35 14.35 19.07
CA PRO D 296 -22.19 15.49 18.66
C PRO D 296 -21.41 16.79 18.70
N ASP D 297 -20.65 17.01 17.64
CA ASP D 297 -19.72 18.13 17.61
C ASP D 297 -20.48 19.47 17.64
N ASP D 298 -21.63 19.53 16.97
CA ASP D 298 -22.32 20.86 16.89
C ASP D 298 -22.76 21.24 18.30
N LYS D 299 -23.40 20.27 18.96
CA LYS D 299 -23.93 20.43 20.34
C LYS D 299 -22.80 20.79 21.30
N ASN D 300 -21.61 20.17 21.20
CA ASN D 300 -20.51 20.36 22.18
C ASN D 300 -19.63 21.53 21.74
N ASP D 301 -19.82 22.08 20.52
CA ASP D 301 -18.91 23.10 19.91
C ASP D 301 -17.44 22.55 19.83
N TRP D 302 -17.31 21.37 19.27
CA TRP D 302 -16.01 20.71 18.98
C TRP D 302 -15.69 20.84 17.48
N VAL D 303 -14.47 20.45 17.09
CA VAL D 303 -13.92 20.58 15.72
C VAL D 303 -13.41 19.17 15.33
N VAL D 304 -13.69 18.73 14.10
CA VAL D 304 -13.03 17.51 13.54
C VAL D 304 -11.87 17.91 12.66
N ALA D 305 -10.79 17.12 12.70
CA ALA D 305 -9.51 17.41 12.07
C ALA D 305 -9.53 16.91 10.58
N HIS D 306 -10.64 16.33 10.18
CA HIS D 306 -10.78 15.93 8.74
C HIS D 306 -9.76 14.78 8.58
N ASP D 307 -8.94 14.81 7.56
CA ASP D 307 -7.97 13.71 7.29
C ASP D 307 -6.65 13.95 8.06
N LEU D 308 -6.46 15.06 8.81
CA LEU D 308 -5.15 15.37 9.33
C LEU D 308 -4.83 14.50 10.58
N ASN D 309 -3.63 13.92 10.55
CA ASN D 309 -3.20 13.10 11.71
C ASN D 309 -2.97 14.09 12.89
N PRO D 310 -2.66 13.55 14.09
CA PRO D 310 -2.71 14.42 15.28
C PRO D 310 -1.68 15.48 15.32
N GLN D 311 -0.47 15.14 14.93
CA GLN D 311 0.64 16.12 14.85
C GLN D 311 0.32 17.20 13.81
N LYS D 312 -0.22 16.82 12.66
CA LYS D 312 -0.53 17.80 11.63
C LYS D 312 -1.68 18.70 12.16
N ALA D 313 -2.67 18.11 12.84
CA ALA D 313 -3.87 18.82 13.38
C ALA D 313 -3.39 19.83 14.41
N ARG D 314 -2.39 19.45 15.19
CA ARG D 314 -1.79 20.41 16.14
C ARG D 314 -1.17 21.61 15.47
N ILE D 315 -0.41 21.42 14.36
CA ILE D 315 0.22 22.55 13.61
C ILE D 315 -0.91 23.44 13.05
N LEU D 316 -1.95 22.88 12.44
CA LEU D 316 -3.01 23.75 11.82
C LEU D 316 -3.75 24.49 12.98
N ALA D 317 -4.12 23.81 14.05
CA ALA D 317 -4.77 24.45 15.23
C ALA D 317 -3.95 25.62 15.75
N MET D 318 -2.64 25.48 15.90
CA MET D 318 -1.77 26.50 16.50
CA MET D 318 -1.78 26.50 16.52
C MET D 318 -1.70 27.71 15.57
N VAL D 319 -1.59 27.46 14.25
CA VAL D 319 -1.60 28.55 13.25
C VAL D 319 -2.98 29.22 13.20
N ALA D 320 -4.08 28.47 13.23
CA ALA D 320 -5.43 28.99 13.07
C ALA D 320 -5.74 29.89 14.27
N MET D 321 -5.30 29.45 15.44
CA MET D 321 -5.60 30.18 16.71
C MET D 321 -4.76 31.42 16.88
N THR D 322 -3.85 31.73 15.99
CA THR D 322 -3.22 33.06 15.95
C THR D 322 -4.26 34.02 15.38
N LYS D 323 -5.34 33.55 14.76
CA LYS D 323 -6.26 34.43 14.01
C LYS D 323 -7.67 34.37 14.60
N THR D 324 -8.14 33.22 15.05
CA THR D 324 -9.54 33.05 15.44
C THR D 324 -9.61 32.10 16.62
N GLN D 325 -10.58 32.33 17.50
CA GLN D 325 -11.03 31.40 18.56
C GLN D 325 -12.44 30.92 18.29
N ASP D 326 -13.02 31.15 17.13
CA ASP D 326 -14.38 30.71 16.86
C ASP D 326 -14.24 29.29 16.34
N SER D 327 -14.98 28.38 16.94
CA SER D 327 -14.93 26.92 16.64
C SER D 327 -15.48 26.71 15.22
N LYS D 328 -16.45 27.49 14.78
CA LYS D 328 -16.98 27.36 13.41
C LYS D 328 -15.95 27.80 12.37
N GLU D 329 -15.12 28.81 12.62
CA GLU D 329 -14.05 29.28 11.73
C GLU D 329 -12.94 28.21 11.71
N LEU D 330 -12.62 27.71 12.91
CA LEU D 330 -11.58 26.66 12.98
C LEU D 330 -12.07 25.45 12.20
N GLN D 331 -13.31 25.06 12.26
CA GLN D 331 -13.79 23.92 11.45
C GLN D 331 -13.66 24.23 9.96
N ARG D 332 -14.04 25.45 9.53
CA ARG D 332 -13.79 25.83 8.12
C ARG D 332 -12.31 25.66 7.76
N ILE D 333 -11.40 26.12 8.61
CA ILE D 333 -9.96 26.03 8.36
C ILE D 333 -9.55 24.57 8.20
N PHE D 334 -10.06 23.69 9.04
CA PHE D 334 -9.70 22.23 9.00
C PHE D 334 -10.29 21.63 7.73
N TRP D 335 -11.28 22.29 7.14
CA TRP D 335 -11.85 21.77 5.89
C TRP D 335 -11.23 22.41 4.65
N GLU D 336 -10.45 23.45 4.76
CA GLU D 336 -9.90 24.09 3.57
C GLU D 336 -8.42 23.86 3.42
N TYR D 337 -7.67 23.60 4.50
CA TYR D 337 -6.20 23.58 4.46
C TYR D 337 -5.69 22.12 4.65
#